data_1HCW
#
_entry.id   1HCW
#
_cell.length_a   1.000
_cell.length_b   1.000
_cell.length_c   1.000
_cell.angle_alpha   90.00
_cell.angle_beta   90.00
_cell.angle_gamma   90.00
#
_symmetry.space_group_name_H-M   'P 1'
#
_entity_poly.entity_id   1
_entity_poly.type   'polypeptide(L)'
_entity_poly.pdbx_seq_one_letter_code
;(ACE)YTVPS(PYA)TFSRSDELAKLLRLHAG(NH2)
;
_entity_poly.pdbx_strand_id   A
#
# COMPACT_ATOMS: atom_id res chain seq x y z
N TYR A 2 -4.52 -8.41 -1.05
CA TYR A 2 -3.49 -7.92 -0.07
C TYR A 2 -4.08 -8.12 1.35
N THR A 3 -3.21 -8.10 2.39
CA THR A 3 -3.63 -7.92 3.79
C THR A 3 -2.42 -7.25 4.50
N VAL A 4 -2.73 -6.11 5.15
CA VAL A 4 -1.79 -5.46 6.13
C VAL A 4 -2.80 -4.79 7.16
N PRO A 5 -3.07 -5.21 8.46
CA PRO A 5 -4.02 -4.54 9.39
C PRO A 5 -5.47 -4.53 8.82
N SER A 6 -6.06 -3.33 8.68
CA SER A 6 -7.30 -3.12 7.88
C SER A 6 -6.95 -2.44 6.52
N THR A 8 -6.55 -4.31 2.74
CA THR A 8 -6.54 -5.26 1.61
C THR A 8 -6.62 -4.28 0.38
N PHE A 9 -5.49 -4.06 -0.30
CA PHE A 9 -5.27 -2.98 -1.30
C PHE A 9 -5.80 -3.48 -2.70
N SER A 10 -4.96 -3.46 -3.75
CA SER A 10 -5.19 -4.08 -5.07
C SER A 10 -4.17 -5.21 -5.07
N ARG A 11 -2.92 -5.10 -5.63
CA ARG A 11 -2.02 -6.29 -5.81
C ARG A 11 -0.51 -6.01 -5.53
N SER A 12 0.16 -5.19 -6.37
CA SER A 12 1.59 -4.78 -6.20
C SER A 12 1.91 -3.28 -6.45
N ASP A 13 1.16 -2.58 -7.33
CA ASP A 13 1.24 -1.09 -7.49
C ASP A 13 0.90 -0.24 -6.23
N GLU A 14 -0.09 -0.64 -5.41
CA GLU A 14 -0.68 0.19 -4.32
C GLU A 14 0.27 0.42 -3.10
N LEU A 15 0.80 -0.63 -2.38
CA LEU A 15 1.78 -0.46 -1.25
C LEU A 15 3.04 0.40 -1.59
N ALA A 16 3.64 0.18 -2.79
CA ALA A 16 4.69 1.07 -3.37
C ALA A 16 4.27 2.46 -3.89
N LYS A 17 3.02 2.66 -4.39
CA LYS A 17 2.44 4.00 -4.70
C LYS A 17 2.19 4.87 -3.40
N LEU A 18 1.45 4.34 -2.40
CA LEU A 18 1.14 5.00 -1.12
C LEU A 18 2.35 5.24 -0.17
N LEU A 19 3.29 4.28 0.05
CA LEU A 19 4.53 4.52 0.85
C LEU A 19 5.63 5.39 0.15
N ARG A 20 5.75 5.38 -1.20
CA ARG A 20 6.57 6.38 -1.97
C ARG A 20 5.96 7.83 -1.98
N LEU A 21 4.62 8.01 -2.07
CA LEU A 21 3.95 9.33 -1.85
C LEU A 21 3.98 9.86 -0.38
N HIS A 22 3.51 9.05 0.61
CA HIS A 22 3.25 9.48 2.00
C HIS A 22 3.71 8.26 2.86
N ALA A 23 4.85 8.42 3.54
CA ALA A 23 5.48 7.34 4.36
C ALA A 23 4.84 7.09 5.77
N GLY A 24 4.52 8.14 6.56
CA GLY A 24 3.92 7.99 7.89
C GLY A 24 3.56 9.35 8.48
N TYR A 2 -4.43 -8.74 -1.13
CA TYR A 2 -3.63 -7.99 -0.11
C TYR A 2 -4.22 -8.20 1.31
N THR A 3 -3.33 -8.21 2.34
CA THR A 3 -3.71 -8.09 3.75
C THR A 3 -2.49 -7.42 4.44
N VAL A 4 -2.77 -6.30 5.11
CA VAL A 4 -1.81 -5.64 6.06
C VAL A 4 -2.81 -4.98 7.11
N PRO A 5 -3.05 -5.42 8.41
CA PRO A 5 -4.04 -4.78 9.35
C PRO A 5 -5.50 -4.86 8.82
N SER A 6 -6.21 -3.72 8.86
CA SER A 6 -7.51 -3.57 8.12
C SER A 6 -7.27 -2.84 6.75
N THR A 8 -6.69 -4.45 2.86
CA THR A 8 -6.60 -5.31 1.68
C THR A 8 -6.67 -4.21 0.54
N PHE A 9 -5.52 -3.76 0.00
CA PHE A 9 -5.41 -2.56 -0.89
C PHE A 9 -5.79 -2.95 -2.37
N SER A 10 -4.82 -3.19 -3.28
CA SER A 10 -5.02 -3.69 -4.67
C SER A 10 -4.01 -4.83 -4.78
N ARG A 11 -2.89 -4.78 -5.56
CA ARG A 11 -2.01 -5.96 -5.80
C ARG A 11 -0.63 -5.52 -6.37
N SER A 12 0.41 -5.63 -5.51
CA SER A 12 1.86 -5.33 -5.83
C SER A 12 2.23 -4.16 -6.82
N ASP A 13 1.56 -3.03 -6.55
CA ASP A 13 1.72 -1.70 -7.22
C ASP A 13 1.28 -0.56 -6.22
N GLU A 14 0.13 -0.77 -5.56
CA GLU A 14 -0.56 0.15 -4.62
C GLU A 14 0.17 0.42 -3.27
N LEU A 15 0.68 -0.60 -2.52
CA LEU A 15 1.57 -0.41 -1.33
C LEU A 15 2.86 0.44 -1.60
N ALA A 16 3.64 0.12 -2.66
CA ALA A 16 4.75 0.97 -3.17
C ALA A 16 4.39 2.34 -3.80
N LYS A 17 3.19 2.50 -4.40
CA LYS A 17 2.61 3.81 -4.83
C LYS A 17 2.27 4.74 -3.60
N LEU A 18 1.50 4.25 -2.59
CA LEU A 18 1.16 4.97 -1.35
C LEU A 18 2.36 5.26 -0.39
N LEU A 19 3.25 4.28 -0.04
CA LEU A 19 4.45 4.52 0.83
C LEU A 19 5.58 5.37 0.17
N ARG A 20 5.77 5.33 -1.18
CA ARG A 20 6.63 6.29 -1.93
C ARG A 20 6.05 7.76 -1.97
N LEU A 21 4.72 7.97 -2.09
CA LEU A 21 4.06 9.30 -1.92
C LEU A 21 4.06 9.86 -0.44
N HIS A 22 3.55 9.07 0.53
CA HIS A 22 3.26 9.52 1.92
C HIS A 22 3.63 8.35 2.86
N ALA A 23 4.56 8.61 3.80
CA ALA A 23 5.00 7.64 4.83
C ALA A 23 5.02 8.41 6.19
N GLY A 24 3.90 8.30 6.92
CA GLY A 24 3.69 8.97 8.23
C GLY A 24 3.15 10.40 8.11
N TYR A 2 -4.56 -8.13 -0.49
CA TYR A 2 -3.41 -8.48 0.37
C TYR A 2 -3.52 -7.70 1.72
N THR A 3 -4.04 -8.34 2.79
CA THR A 3 -4.40 -7.61 4.05
C THR A 3 -3.09 -7.34 4.84
N VAL A 4 -2.89 -6.03 5.06
CA VAL A 4 -1.83 -5.47 5.96
C VAL A 4 -2.72 -4.85 7.13
N PRO A 5 -2.83 -5.33 8.43
CA PRO A 5 -3.82 -4.84 9.44
C PRO A 5 -5.29 -4.86 8.91
N SER A 6 -5.78 -3.66 8.55
CA SER A 6 -7.06 -3.49 7.77
C SER A 6 -6.76 -2.73 6.43
N THR A 8 -6.35 -4.37 2.55
CA THR A 8 -6.34 -5.26 1.36
C THR A 8 -6.44 -4.26 0.16
N PHE A 9 -5.30 -3.85 -0.44
CA PHE A 9 -5.23 -2.70 -1.41
C PHE A 9 -5.76 -3.16 -2.82
N SER A 10 -4.88 -3.51 -3.80
CA SER A 10 -5.24 -4.13 -5.09
C SER A 10 -4.21 -5.25 -5.19
N ARG A 11 -3.06 -5.12 -5.93
CA ARG A 11 -2.15 -6.27 -6.21
C ARG A 11 -0.69 -5.76 -6.38
N SER A 12 0.04 -5.59 -5.24
CA SER A 12 1.44 -5.06 -5.14
C SER A 12 1.74 -3.61 -5.63
N ASP A 13 1.14 -3.12 -6.73
CA ASP A 13 1.28 -1.71 -7.22
C ASP A 13 0.85 -0.56 -6.26
N GLU A 14 -0.16 -0.79 -5.40
CA GLU A 14 -0.76 0.23 -4.49
C GLU A 14 0.18 0.55 -3.27
N LEU A 15 0.52 -0.42 -2.37
CA LEU A 15 1.49 -0.25 -1.23
C LEU A 15 2.82 0.50 -1.58
N ALA A 16 3.51 0.08 -2.67
CA ALA A 16 4.67 0.82 -3.25
C ALA A 16 4.38 2.22 -3.87
N LYS A 17 3.19 2.47 -4.45
CA LYS A 17 2.69 3.82 -4.87
C LYS A 17 2.40 4.76 -3.63
N LEU A 18 1.57 4.32 -2.65
CA LEU A 18 1.25 5.03 -1.39
C LEU A 18 2.46 5.28 -0.44
N LEU A 19 3.37 4.30 -0.15
CA LEU A 19 4.64 4.55 0.60
C LEU A 19 5.72 5.42 -0.14
N ARG A 20 5.66 5.59 -1.49
CA ARG A 20 6.45 6.61 -2.25
C ARG A 20 5.94 8.08 -2.03
N LEU A 21 4.61 8.35 -2.08
CA LEU A 21 4.01 9.67 -1.72
C LEU A 21 4.02 10.01 -0.20
N HIS A 22 3.48 9.12 0.68
CA HIS A 22 3.17 9.41 2.10
C HIS A 22 3.54 8.14 2.90
N ALA A 23 4.50 8.27 3.83
CA ALA A 23 5.00 7.16 4.68
C ALA A 23 4.89 7.37 6.23
N GLY A 24 5.24 8.56 6.77
CA GLY A 24 5.16 8.84 8.22
C GLY A 24 5.72 10.23 8.52
N TYR A 2 -5.32 -7.98 -0.02
CA TYR A 2 -3.92 -7.65 0.38
C TYR A 2 -3.87 -7.13 1.84
N THR A 3 -4.28 -7.89 2.88
CA THR A 3 -4.50 -7.29 4.24
C THR A 3 -3.12 -6.92 4.89
N VAL A 4 -2.96 -5.61 5.02
CA VAL A 4 -1.85 -4.95 5.79
C VAL A 4 -2.63 -4.46 7.10
N PRO A 5 -2.50 -4.97 8.38
CA PRO A 5 -3.40 -4.62 9.52
C PRO A 5 -4.92 -4.86 9.20
N SER A 6 -5.61 -3.76 8.88
CA SER A 6 -6.99 -3.79 8.27
C SER A 6 -7.02 -2.97 6.94
N THR A 8 -6.73 -4.11 2.89
CA THR A 8 -6.71 -4.88 1.63
C THR A 8 -6.87 -3.84 0.48
N PHE A 9 -5.93 -3.81 -0.49
CA PHE A 9 -5.90 -2.84 -1.61
C PHE A 9 -5.85 -3.73 -2.93
N SER A 10 -4.87 -3.48 -3.84
CA SER A 10 -4.47 -4.33 -4.98
C SER A 10 -2.99 -4.66 -4.69
N ARG A 11 -2.62 -5.90 -5.02
CA ARG A 11 -1.37 -6.55 -4.55
C ARG A 11 -0.02 -5.93 -5.02
N SER A 12 0.33 -5.89 -6.33
CA SER A 12 1.70 -5.49 -6.79
C SER A 12 1.75 -4.31 -7.80
N ASP A 13 1.40 -3.11 -7.27
CA ASP A 13 1.54 -1.74 -7.90
C ASP A 13 1.11 -0.64 -6.86
N GLU A 14 0.01 -0.87 -6.12
CA GLU A 14 -0.71 0.09 -5.25
C GLU A 14 0.04 0.52 -3.95
N LEU A 15 0.53 -0.40 -3.08
CA LEU A 15 1.35 -0.03 -1.88
C LEU A 15 2.74 0.61 -2.21
N ALA A 16 3.49 0.10 -3.22
CA ALA A 16 4.67 0.80 -3.79
C ALA A 16 4.40 2.17 -4.50
N LYS A 17 3.16 2.42 -4.98
CA LYS A 17 2.65 3.73 -5.47
C LYS A 17 2.50 4.76 -4.27
N LEU A 18 1.70 4.46 -3.21
CA LEU A 18 1.56 5.28 -1.99
C LEU A 18 2.82 5.41 -1.08
N LEU A 19 3.60 4.34 -0.77
CA LEU A 19 4.73 4.38 0.22
C LEU A 19 5.78 5.53 0.07
N ARG A 20 6.11 5.97 -1.17
CA ARG A 20 6.92 7.21 -1.45
C ARG A 20 6.20 8.55 -1.04
N LEU A 21 4.86 8.73 -1.30
CA LEU A 21 4.07 9.89 -0.81
C LEU A 21 3.79 9.87 0.74
N HIS A 22 3.26 8.73 1.27
CA HIS A 22 2.70 8.62 2.64
C HIS A 22 3.14 7.21 3.16
N ALA A 23 3.91 7.19 4.26
CA ALA A 23 4.36 5.95 4.95
C ALA A 23 4.16 6.20 6.48
N GLY A 24 2.99 5.76 6.97
CA GLY A 24 2.60 5.91 8.39
C GLY A 24 1.20 5.36 8.62
N TYR A 2 -4.50 -8.07 -0.55
CA TYR A 2 -3.34 -8.44 0.31
C TYR A 2 -3.45 -7.73 1.67
N THR A 3 -4.01 -8.39 2.71
CA THR A 3 -4.38 -7.73 3.99
C THR A 3 -3.08 -7.44 4.81
N VAL A 4 -2.97 -6.17 5.17
CA VAL A 4 -1.89 -5.62 6.07
C VAL A 4 -2.77 -4.96 7.21
N PRO A 5 -3.00 -5.47 8.49
CA PRO A 5 -3.91 -4.86 9.49
C PRO A 5 -5.39 -4.89 8.98
N SER A 6 -5.87 -3.70 8.57
CA SER A 6 -7.11 -3.53 7.77
C SER A 6 -6.79 -2.79 6.43
N THR A 8 -6.30 -4.42 2.59
CA THR A 8 -6.28 -5.29 1.39
C THR A 8 -6.35 -4.28 0.21
N PHE A 9 -5.18 -3.83 -0.33
CA PHE A 9 -5.10 -2.66 -1.27
C PHE A 9 -5.63 -3.05 -2.71
N SER A 10 -4.76 -3.48 -3.65
CA SER A 10 -5.15 -4.05 -4.97
C SER A 10 -4.17 -5.22 -5.13
N ARG A 11 -3.07 -5.13 -5.93
CA ARG A 11 -2.23 -6.32 -6.28
C ARG A 11 -0.76 -5.87 -6.52
N SER A 12 0.03 -5.77 -5.42
CA SER A 12 1.44 -5.21 -5.39
C SER A 12 1.83 -4.05 -6.38
N ASP A 13 0.97 -3.02 -6.35
CA ASP A 13 1.16 -1.70 -7.03
C ASP A 13 0.78 -0.50 -6.12
N GLU A 14 -0.18 -0.68 -5.20
CA GLU A 14 -0.74 0.36 -4.31
C GLU A 14 0.19 0.66 -3.09
N LEU A 15 0.56 -0.32 -2.22
CA LEU A 15 1.60 -0.20 -1.13
C LEU A 15 2.90 0.59 -1.53
N ALA A 16 3.52 0.24 -2.68
CA ALA A 16 4.62 1.04 -3.29
C ALA A 16 4.28 2.42 -3.91
N LYS A 17 3.03 2.63 -4.41
CA LYS A 17 2.48 3.97 -4.79
C LYS A 17 2.25 4.91 -3.53
N LEU A 18 1.49 4.44 -2.52
CA LEU A 18 1.18 5.15 -1.25
C LEU A 18 2.42 5.36 -0.31
N LEU A 19 3.28 4.34 0.00
CA LEU A 19 4.50 4.52 0.83
C LEU A 19 5.66 5.33 0.17
N ARG A 20 5.82 5.30 -1.17
CA ARG A 20 6.71 6.25 -1.92
C ARG A 20 6.17 7.72 -1.95
N LEU A 21 4.83 7.96 -2.06
CA LEU A 21 4.19 9.30 -1.88
C LEU A 21 4.22 9.89 -0.43
N HIS A 22 3.73 9.12 0.58
CA HIS A 22 3.43 9.64 1.95
C HIS A 22 3.99 8.76 3.11
N ALA A 23 3.71 7.43 3.14
CA ALA A 23 4.07 6.47 4.21
C ALA A 23 3.49 6.85 5.61
N GLY A 24 2.41 6.15 6.01
CA GLY A 24 1.72 6.39 7.29
C GLY A 24 0.51 5.47 7.42
N TYR A 2 -4.44 -7.70 -1.50
CA TYR A 2 -3.44 -7.41 -0.42
C TYR A 2 -4.04 -7.81 0.96
N THR A 3 -3.19 -7.86 2.02
CA THR A 3 -3.61 -7.85 3.42
C THR A 3 -2.43 -7.21 4.19
N VAL A 4 -2.74 -6.14 4.94
CA VAL A 4 -1.79 -5.57 5.96
C VAL A 4 -2.73 -5.08 7.14
N PRO A 5 -2.86 -5.62 8.42
CA PRO A 5 -3.68 -5.02 9.52
C PRO A 5 -5.12 -4.54 9.18
N SER A 6 -5.97 -5.38 8.54
CA SER A 6 -7.25 -5.02 7.84
C SER A 6 -7.14 -3.87 6.77
N THR A 8 -6.61 -4.41 2.82
CA THR A 8 -6.55 -5.10 1.51
C THR A 8 -6.66 -3.97 0.43
N PHE A 9 -5.60 -3.70 -0.34
CA PHE A 9 -5.47 -2.55 -1.28
C PHE A 9 -5.83 -3.13 -2.70
N SER A 10 -4.88 -3.22 -3.66
CA SER A 10 -5.01 -3.90 -4.97
C SER A 10 -3.60 -4.47 -5.30
N ARG A 11 -3.61 -5.70 -5.80
CA ARG A 11 -2.48 -6.62 -5.97
C ARG A 11 -1.06 -6.08 -6.33
N SER A 12 -0.32 -5.89 -5.22
CA SER A 12 1.13 -5.48 -5.16
C SER A 12 1.64 -4.37 -6.16
N ASP A 13 0.95 -3.23 -6.05
CA ASP A 13 1.31 -1.91 -6.67
C ASP A 13 0.98 -0.74 -5.70
N GLU A 14 -0.13 -0.83 -4.95
CA GLU A 14 -0.69 0.25 -4.09
C GLU A 14 0.16 0.58 -2.83
N LEU A 15 0.53 -0.39 -1.94
CA LEU A 15 1.45 -0.15 -0.77
C LEU A 15 2.82 0.53 -1.13
N ALA A 16 3.49 0.06 -2.21
CA ALA A 16 4.66 0.74 -2.81
C ALA A 16 4.43 2.05 -3.59
N LYS A 17 3.25 2.28 -4.22
CA LYS A 17 2.83 3.58 -4.81
C LYS A 17 2.57 4.68 -3.70
N LEU A 18 1.69 4.40 -2.70
CA LEU A 18 1.34 5.29 -1.58
C LEU A 18 2.49 5.57 -0.57
N LEU A 19 3.29 4.56 -0.08
CA LEU A 19 4.43 4.82 0.87
C LEU A 19 5.66 5.56 0.28
N ARG A 20 5.95 5.50 -1.06
CA ARG A 20 6.92 6.41 -1.74
C ARG A 20 6.44 7.89 -1.90
N LEU A 21 5.14 8.15 -2.19
CA LEU A 21 4.53 9.52 -2.15
C LEU A 21 4.38 10.14 -0.72
N HIS A 22 3.71 9.43 0.22
CA HIS A 22 3.26 9.96 1.53
C HIS A 22 3.49 8.79 2.51
N ALA A 23 4.54 8.91 3.35
CA ALA A 23 4.94 7.86 4.32
C ALA A 23 4.10 7.76 5.63
N GLY A 24 3.76 8.90 6.30
CA GLY A 24 2.93 8.92 7.53
C GLY A 24 1.43 8.96 7.25
N TYR A 2 -4.76 -7.72 -1.16
CA TYR A 2 -3.71 -7.41 -0.15
C TYR A 2 -4.31 -7.62 1.28
N THR A 3 -3.42 -7.71 2.30
CA THR A 3 -3.80 -7.55 3.72
C THR A 3 -2.55 -6.97 4.41
N VAL A 4 -2.75 -5.84 5.13
CA VAL A 4 -1.75 -5.29 6.09
C VAL A 4 -2.69 -4.91 7.31
N PRO A 5 -3.03 -5.75 8.37
CA PRO A 5 -3.96 -5.39 9.48
C PRO A 5 -5.30 -4.68 9.07
N SER A 6 -6.19 -5.34 8.31
CA SER A 6 -7.37 -4.74 7.58
C SER A 6 -7.07 -3.61 6.52
N THR A 8 -6.36 -3.89 3.05
CA THR A 8 -6.44 -4.56 1.73
C THR A 8 -6.40 -3.43 0.64
N PHE A 9 -5.60 -3.63 -0.41
CA PHE A 9 -5.24 -2.60 -1.43
C PHE A 9 -5.67 -3.26 -2.81
N SER A 10 -4.74 -3.29 -3.79
CA SER A 10 -4.79 -4.07 -5.05
C SER A 10 -3.32 -4.54 -5.10
N ARG A 11 -3.27 -5.86 -5.19
CA ARG A 11 -2.09 -6.71 -4.89
C ARG A 11 -0.62 -6.22 -4.88
N SER A 12 -0.16 -5.54 -5.95
CA SER A 12 1.29 -5.18 -6.11
C SER A 12 1.65 -3.72 -6.48
N ASP A 13 0.94 -3.05 -7.41
CA ASP A 13 1.17 -1.60 -7.72
C ASP A 13 0.85 -0.58 -6.59
N GLU A 14 -0.12 -0.86 -5.71
CA GLU A 14 -0.68 0.08 -4.71
C GLU A 14 0.28 0.39 -3.52
N LEU A 15 0.68 -0.59 -2.66
CA LEU A 15 1.61 -0.37 -1.50
C LEU A 15 2.96 0.34 -1.88
N ALA A 16 3.60 -0.06 -2.99
CA ALA A 16 4.72 0.68 -3.61
C ALA A 16 4.43 2.09 -4.22
N LYS A 17 3.19 2.35 -4.72
CA LYS A 17 2.69 3.70 -5.10
C LYS A 17 2.49 4.63 -3.83
N LEU A 18 1.70 4.18 -2.83
CA LEU A 18 1.36 4.92 -1.59
C LEU A 18 2.53 5.16 -0.60
N LEU A 19 3.47 4.21 -0.30
CA LEU A 19 4.59 4.46 0.68
C LEU A 19 5.63 5.53 0.26
N ARG A 20 6.02 5.60 -1.05
CA ARG A 20 6.81 6.74 -1.62
C ARG A 20 6.12 8.14 -1.61
N LEU A 21 4.80 8.23 -1.90
CA LEU A 21 3.97 9.47 -1.71
C LEU A 21 3.77 9.92 -0.23
N HIS A 22 3.26 9.01 0.65
CA HIS A 22 2.79 9.32 2.02
C HIS A 22 3.24 8.12 2.87
N ALA A 23 4.27 8.33 3.70
CA ALA A 23 4.89 7.27 4.56
C ALA A 23 4.12 6.90 5.86
N GLY A 24 3.60 7.88 6.65
CA GLY A 24 2.86 7.63 7.90
C GLY A 24 3.80 7.59 9.10
N TYR A 2 -3.75 -7.69 -1.19
CA TYR A 2 -2.85 -7.19 -0.12
C TYR A 2 -3.45 -7.55 1.28
N THR A 3 -2.64 -7.40 2.36
CA THR A 3 -3.12 -7.33 3.74
C THR A 3 -2.08 -6.48 4.52
N VAL A 4 -2.59 -5.41 5.18
CA VAL A 4 -1.80 -4.66 6.21
C VAL A 4 -2.89 -4.42 7.35
N PRO A 5 -2.97 -5.05 8.60
CA PRO A 5 -4.04 -4.77 9.60
C PRO A 5 -5.46 -5.12 9.04
N SER A 6 -6.22 -4.06 8.74
CA SER A 6 -7.48 -4.14 7.92
C SER A 6 -7.35 -3.25 6.64
N THR A 8 -6.51 -4.38 2.74
CA THR A 8 -6.31 -5.16 1.49
C THR A 8 -6.53 -4.13 0.33
N PHE A 9 -5.49 -3.82 -0.45
CA PHE A 9 -5.46 -2.71 -1.44
C PHE A 9 -5.84 -3.34 -2.83
N SER A 10 -4.91 -3.38 -3.83
CA SER A 10 -5.07 -4.04 -5.13
C SER A 10 -3.64 -4.45 -5.54
N ARG A 11 -3.53 -5.76 -5.63
CA ARG A 11 -2.42 -6.55 -6.21
C ARG A 11 -0.98 -5.93 -6.32
N SER A 12 -0.36 -5.72 -5.14
CA SER A 12 1.08 -5.27 -4.93
C SER A 12 1.48 -3.86 -5.45
N ASP A 13 1.03 -3.41 -6.63
CA ASP A 13 1.16 -2.00 -7.15
C ASP A 13 0.79 -0.81 -6.23
N GLU A 14 -0.09 -1.00 -5.23
CA GLU A 14 -0.71 0.09 -4.44
C GLU A 14 0.19 0.50 -3.25
N LEU A 15 0.46 -0.33 -2.20
CA LEU A 15 1.35 0.06 -1.04
C LEU A 15 2.79 0.54 -1.42
N ALA A 16 3.41 -0.01 -2.49
CA ALA A 16 4.64 0.57 -3.11
C ALA A 16 4.49 1.94 -3.84
N LYS A 17 3.30 2.23 -4.41
CA LYS A 17 2.88 3.58 -4.92
C LYS A 17 2.60 4.57 -3.71
N LEU A 18 1.63 4.24 -2.81
CA LEU A 18 1.30 4.96 -1.56
C LEU A 18 2.49 5.21 -0.56
N LEU A 19 3.44 4.26 -0.33
CA LEU A 19 4.69 4.51 0.46
C LEU A 19 5.70 5.53 -0.17
N ARG A 20 5.82 5.58 -1.53
CA ARG A 20 6.55 6.65 -2.28
C ARG A 20 6.00 8.11 -2.08
N LEU A 21 4.65 8.33 -2.09
CA LEU A 21 4.01 9.62 -1.69
C LEU A 21 4.03 9.92 -0.16
N HIS A 22 3.53 8.99 0.69
CA HIS A 22 3.24 9.23 2.13
C HIS A 22 3.66 7.94 2.88
N ALA A 23 4.60 8.08 3.83
CA ALA A 23 5.14 6.95 4.65
C ALA A 23 5.01 7.12 6.19
N GLY A 24 5.32 8.30 6.78
CA GLY A 24 5.23 8.56 8.24
C GLY A 24 6.55 8.22 8.94
N TYR A 2 -4.10 -7.67 -1.35
CA TYR A 2 -3.15 -8.00 -0.25
C TYR A 2 -3.81 -7.78 1.15
N THR A 3 -3.06 -7.65 2.28
CA THR A 3 -3.56 -7.21 3.59
C THR A 3 -2.39 -6.52 4.31
N VAL A 4 -2.68 -5.34 4.88
CA VAL A 4 -1.78 -4.66 5.86
C VAL A 4 -2.73 -4.48 7.12
N PRO A 5 -2.70 -5.21 8.31
CA PRO A 5 -3.69 -5.05 9.41
C PRO A 5 -5.12 -5.46 8.92
N SER A 6 -5.93 -4.43 8.66
CA SER A 6 -7.22 -4.55 7.91
C SER A 6 -7.21 -3.56 6.69
N THR A 8 -6.59 -4.28 2.64
CA THR A 8 -6.47 -4.93 1.32
C THR A 8 -6.69 -3.81 0.26
N PHE A 9 -5.66 -3.43 -0.53
CA PHE A 9 -5.78 -2.29 -1.51
C PHE A 9 -5.99 -3.01 -2.89
N SER A 10 -4.99 -3.10 -3.81
CA SER A 10 -5.02 -3.95 -5.01
C SER A 10 -3.61 -4.51 -5.19
N ARG A 11 -3.60 -5.84 -5.25
CA ARG A 11 -2.47 -6.76 -5.20
C ARG A 11 -1.03 -6.25 -5.53
N SER A 12 -0.37 -5.82 -4.44
CA SER A 12 1.04 -5.29 -4.38
C SER A 12 1.36 -3.95 -5.11
N ASP A 13 0.74 -3.65 -6.28
CA ASP A 13 0.84 -2.34 -6.98
C ASP A 13 0.66 -1.01 -6.17
N GLU A 14 -0.16 -1.04 -5.11
CA GLU A 14 -0.61 0.16 -4.37
C GLU A 14 0.34 0.59 -3.22
N LEU A 15 0.83 -0.31 -2.31
CA LEU A 15 1.74 0.09 -1.18
C LEU A 15 3.14 0.60 -1.61
N ALA A 16 3.68 0.03 -2.70
CA ALA A 16 4.86 0.54 -3.44
C ALA A 16 4.71 1.93 -4.13
N LYS A 17 3.56 2.19 -4.80
CA LYS A 17 3.12 3.50 -5.31
C LYS A 17 2.83 4.56 -4.17
N LEU A 18 2.15 4.13 -3.08
CA LEU A 18 1.75 4.94 -1.91
C LEU A 18 2.92 5.27 -0.93
N LEU A 19 3.86 4.35 -0.59
CA LEU A 19 4.94 4.61 0.43
C LEU A 19 5.94 5.78 0.10
N ARG A 20 6.32 5.97 -1.18
CA ARG A 20 7.05 7.18 -1.68
C ARG A 20 6.22 8.51 -1.63
N LEU A 21 4.88 8.49 -1.89
CA LEU A 21 3.98 9.66 -1.65
C LEU A 21 3.75 10.03 -0.14
N HIS A 22 3.33 9.05 0.70
CA HIS A 22 2.84 9.27 2.08
C HIS A 22 3.38 8.07 2.88
N ALA A 23 4.40 8.32 3.73
CA ALA A 23 5.07 7.28 4.55
C ALA A 23 4.32 6.79 5.82
N GLY A 24 3.72 7.68 6.63
CA GLY A 24 2.98 7.31 7.85
C GLY A 24 2.44 8.51 8.64
N TYR A 2 -3.73 -8.39 -0.63
CA TYR A 2 -2.91 -7.79 0.46
C TYR A 2 -3.63 -7.97 1.83
N THR A 3 -2.88 -7.81 2.96
CA THR A 3 -3.43 -7.61 4.30
C THR A 3 -2.37 -6.79 5.08
N VAL A 4 -2.84 -5.69 5.69
CA VAL A 4 -2.05 -4.93 6.72
C VAL A 4 -3.17 -4.47 7.75
N PRO A 5 -3.41 -5.00 9.02
CA PRO A 5 -4.52 -4.54 9.92
C PRO A 5 -5.91 -4.77 9.27
N SER A 6 -6.57 -3.65 8.90
CA SER A 6 -7.76 -3.66 8.00
C SER A 6 -7.46 -2.93 6.64
N THR A 8 -6.49 -4.49 2.98
CA THR A 8 -6.40 -5.39 1.84
C THR A 8 -6.48 -4.42 0.60
N PHE A 9 -5.43 -4.42 -0.24
CA PHE A 9 -5.20 -3.41 -1.30
C PHE A 9 -5.63 -4.08 -2.67
N SER A 10 -4.73 -4.11 -3.68
CA SER A 10 -4.89 -4.80 -4.98
C SER A 10 -3.61 -5.63 -5.14
N ARG A 11 -2.65 -5.33 -6.07
CA ARG A 11 -1.51 -6.25 -6.37
C ARG A 11 -0.20 -5.42 -6.58
N SER A 12 0.41 -5.00 -5.44
CA SER A 12 1.55 -4.02 -5.35
C SER A 12 1.89 -3.02 -6.53
N ASP A 13 0.83 -2.34 -6.96
CA ASP A 13 0.86 -1.13 -7.83
C ASP A 13 0.37 0.10 -7.00
N GLU A 14 -0.63 -0.10 -6.11
CA GLU A 14 -1.17 0.90 -5.17
C GLU A 14 -0.31 1.07 -3.89
N LEU A 15 -0.16 0.03 -3.00
CA LEU A 15 0.69 0.08 -1.77
C LEU A 15 2.17 0.58 -1.96
N ALA A 16 2.88 0.10 -2.98
CA ALA A 16 4.19 0.67 -3.42
C ALA A 16 4.18 2.12 -3.99
N LYS A 17 3.05 2.59 -4.59
CA LYS A 17 2.83 4.03 -4.95
C LYS A 17 2.59 4.92 -3.68
N LEU A 18 1.66 4.55 -2.76
CA LEU A 18 1.42 5.25 -1.47
C LEU A 18 2.62 5.35 -0.47
N LEU A 19 3.42 4.27 -0.20
CA LEU A 19 4.61 4.36 0.71
C LEU A 19 5.79 5.26 0.22
N ARG A 20 6.11 5.27 -1.10
CA ARG A 20 7.06 6.26 -1.72
C ARG A 20 6.55 7.74 -1.70
N LEU A 21 5.23 8.03 -1.88
CA LEU A 21 4.62 9.37 -1.65
C LEU A 21 4.58 9.83 -0.15
N HIS A 22 3.98 9.01 0.75
CA HIS A 22 3.64 9.38 2.15
C HIS A 22 3.90 8.08 2.96
N ALA A 23 4.99 8.10 3.76
CA ALA A 23 5.38 6.96 4.63
C ALA A 23 4.61 6.84 5.99
N GLY A 24 4.38 7.95 6.72
CA GLY A 24 3.64 7.95 8.00
C GLY A 24 2.15 8.22 7.78
N TYR A 2 -4.30 -7.97 -0.86
CA TYR A 2 -3.31 -7.38 0.08
C TYR A 2 -3.86 -7.49 1.54
N THR A 3 -2.97 -7.38 2.56
CA THR A 3 -3.36 -7.13 3.95
C THR A 3 -2.16 -6.37 4.58
N VAL A 4 -2.48 -5.20 5.16
CA VAL A 4 -1.53 -4.47 6.08
C VAL A 4 -2.50 -3.99 7.25
N PRO A 5 -2.58 -4.51 8.55
CA PRO A 5 -3.55 -4.04 9.57
C PRO A 5 -5.02 -4.31 9.11
N SER A 6 -5.73 -3.22 8.80
CA SER A 6 -7.03 -3.25 8.07
C SER A 6 -6.91 -2.53 6.69
N THR A 8 -6.33 -3.89 2.87
CA THR A 8 -6.34 -4.70 1.64
C THR A 8 -6.45 -3.66 0.46
N PHE A 9 -5.68 -3.87 -0.62
CA PHE A 9 -5.48 -2.86 -1.70
C PHE A 9 -5.92 -3.51 -3.06
N SER A 10 -5.02 -3.65 -4.07
CA SER A 10 -5.27 -4.33 -5.35
C SER A 10 -4.34 -5.55 -5.40
N ARG A 11 -3.01 -5.47 -5.70
CA ARG A 11 -2.14 -6.67 -5.79
C ARG A 11 -0.64 -6.36 -5.42
N SER A 12 0.11 -5.63 -6.28
CA SER A 12 1.52 -5.18 -6.04
C SER A 12 1.83 -3.72 -6.46
N ASP A 13 1.17 -3.16 -7.50
CA ASP A 13 1.24 -1.71 -7.86
C ASP A 13 0.86 -0.65 -6.77
N GLU A 14 0.01 -0.99 -5.79
CA GLU A 14 -0.59 -0.02 -4.83
C GLU A 14 0.42 0.34 -3.69
N LEU A 15 0.86 -0.58 -2.77
CA LEU A 15 1.78 -0.23 -1.64
C LEU A 15 3.14 0.44 -2.04
N ALA A 16 3.75 -0.01 -3.17
CA ALA A 16 4.88 0.70 -3.83
C ALA A 16 4.56 2.10 -4.47
N LYS A 17 3.31 2.35 -4.94
CA LYS A 17 2.78 3.69 -5.31
C LYS A 17 2.57 4.60 -4.03
N LEU A 18 1.76 4.15 -3.04
CA LEU A 18 1.47 4.85 -1.78
C LEU A 18 2.68 5.09 -0.81
N LEU A 19 3.68 4.18 -0.65
CA LEU A 19 4.83 4.39 0.30
C LEU A 19 5.73 5.65 0.06
N ARG A 20 5.98 6.05 -1.20
CA ARG A 20 6.62 7.36 -1.55
C ARG A 20 5.80 8.63 -1.17
N LEU A 21 4.44 8.63 -1.33
CA LEU A 21 3.53 9.69 -0.79
C LEU A 21 3.38 9.72 0.77
N HIS A 22 3.02 8.57 1.40
CA HIS A 22 2.59 8.48 2.82
C HIS A 22 3.16 7.14 3.35
N ALA A 23 4.02 7.23 4.39
CA ALA A 23 4.68 6.06 5.05
C ALA A 23 4.43 5.90 6.57
N GLY A 24 4.49 6.98 7.39
CA GLY A 24 4.27 6.92 8.84
C GLY A 24 2.80 7.16 9.19
N TYR A 2 -4.91 -8.66 -0.27
CA TYR A 2 -3.61 -7.99 0.11
C TYR A 2 -3.27 -8.06 1.63
N THR A 3 -4.21 -7.65 2.52
CA THR A 3 -4.07 -7.38 3.96
C THR A 3 -2.68 -6.95 4.52
N VAL A 4 -2.66 -5.74 5.08
CA VAL A 4 -1.55 -5.21 5.92
C VAL A 4 -2.36 -4.42 7.05
N PRO A 5 -2.56 -4.81 8.36
CA PRO A 5 -3.41 -4.05 9.34
C PRO A 5 -4.90 -4.04 8.90
N SER A 6 -5.45 -2.84 8.68
CA SER A 6 -6.76 -2.65 8.00
C SER A 6 -6.56 -1.98 6.59
N THR A 8 -6.40 -3.86 2.77
CA THR A 8 -6.45 -4.84 1.68
C THR A 8 -6.51 -3.88 0.44
N PHE A 9 -5.35 -3.68 -0.24
CA PHE A 9 -5.16 -2.61 -1.27
C PHE A 9 -5.73 -3.10 -2.66
N SER A 10 -4.88 -3.41 -3.67
CA SER A 10 -5.28 -3.99 -4.97
C SER A 10 -4.29 -5.14 -5.15
N ARG A 11 -3.20 -5.07 -5.98
CA ARG A 11 -2.38 -6.26 -6.34
C ARG A 11 -0.92 -5.82 -6.65
N SER A 12 -0.07 -5.79 -5.61
CA SER A 12 1.38 -5.34 -5.66
C SER A 12 1.80 -4.21 -6.65
N ASP A 13 1.03 -3.11 -6.57
CA ASP A 13 1.29 -1.80 -7.21
C ASP A 13 0.96 -0.63 -6.23
N GLU A 14 -0.17 -0.73 -5.49
CA GLU A 14 -0.63 0.25 -4.47
C GLU A 14 0.29 0.41 -3.22
N LEU A 15 0.91 -0.66 -2.63
CA LEU A 15 1.88 -0.55 -1.50
C LEU A 15 3.20 0.24 -1.86
N ALA A 16 3.85 -0.11 -3.00
CA ALA A 16 4.96 0.68 -3.60
C ALA A 16 4.63 2.08 -4.19
N LYS A 17 3.40 2.29 -4.75
CA LYS A 17 2.86 3.63 -5.11
C LYS A 17 2.58 4.52 -3.83
N LEU A 18 1.82 3.99 -2.84
CA LEU A 18 1.40 4.68 -1.61
C LEU A 18 2.52 4.97 -0.58
N LEU A 19 3.50 4.07 -0.27
CA LEU A 19 4.56 4.35 0.75
C LEU A 19 5.54 5.53 0.43
N ARG A 20 5.94 5.74 -0.84
CA ARG A 20 6.66 6.97 -1.31
C ARG A 20 5.81 8.29 -1.24
N LEU A 21 4.48 8.27 -1.51
CA LEU A 21 3.56 9.42 -1.25
C LEU A 21 3.31 9.75 0.26
N HIS A 22 2.89 8.75 1.07
CA HIS A 22 2.38 8.94 2.45
C HIS A 22 2.93 7.72 3.23
N ALA A 23 3.94 7.96 4.10
CA ALA A 23 4.61 6.91 4.89
C ALA A 23 3.85 6.39 6.16
N GLY A 24 3.26 7.27 6.99
CA GLY A 24 2.51 6.87 8.21
C GLY A 24 3.40 6.68 9.44
N TYR A 2 -4.38 -8.02 -0.87
CA TYR A 2 -3.35 -7.47 0.05
C TYR A 2 -3.88 -7.56 1.50
N THR A 3 -2.98 -7.46 2.51
CA THR A 3 -3.35 -7.20 3.91
C THR A 3 -2.12 -6.48 4.53
N VAL A 4 -2.40 -5.30 5.12
CA VAL A 4 -1.44 -4.60 6.03
C VAL A 4 -2.39 -4.04 7.18
N PRO A 5 -2.50 -4.51 8.49
CA PRO A 5 -3.46 -3.95 9.50
C PRO A 5 -4.93 -4.10 9.03
N SER A 6 -5.57 -2.96 8.75
CA SER A 6 -6.87 -2.90 8.02
C SER A 6 -6.69 -2.18 6.64
N THR A 8 -6.31 -3.79 2.84
CA THR A 8 -6.33 -4.68 1.66
C THR A 8 -6.46 -3.72 0.43
N PHE A 9 -5.53 -3.79 -0.53
CA PHE A 9 -5.34 -2.77 -1.62
C PHE A 9 -5.86 -3.39 -2.97
N SER A 10 -5.04 -3.38 -4.04
CA SER A 10 -5.28 -4.08 -5.32
C SER A 10 -4.37 -5.32 -5.27
N ARG A 11 -3.05 -5.29 -5.60
CA ARG A 11 -2.20 -6.52 -5.62
C ARG A 11 -0.70 -6.23 -5.29
N SER A 12 0.05 -5.56 -6.19
CA SER A 12 1.49 -5.16 -5.98
C SER A 12 1.87 -3.72 -6.39
N ASP A 13 1.17 -3.09 -7.36
CA ASP A 13 1.31 -1.64 -7.69
C ASP A 13 1.02 -0.62 -6.54
N GLU A 14 -0.03 -0.87 -5.72
CA GLU A 14 -0.57 0.09 -4.73
C GLU A 14 0.33 0.38 -3.49
N LEU A 15 0.92 -0.62 -2.76
CA LEU A 15 1.87 -0.34 -1.64
C LEU A 15 3.20 0.36 -2.07
N ALA A 16 3.85 -0.09 -3.18
CA ALA A 16 4.96 0.63 -3.85
C ALA A 16 4.64 2.03 -4.48
N LYS A 17 3.39 2.28 -4.94
CA LYS A 17 2.85 3.61 -5.32
C LYS A 17 2.63 4.52 -4.05
N LEU A 18 1.74 4.12 -3.11
CA LEU A 18 1.41 4.85 -1.87
C LEU A 18 2.54 4.99 -0.80
N LEU A 19 3.62 4.16 -0.69
CA LEU A 19 4.71 4.36 0.33
C LEU A 19 5.56 5.67 0.20
N ARG A 20 5.93 6.13 -1.02
CA ARG A 20 6.57 7.47 -1.26
C ARG A 20 5.68 8.71 -0.90
N LEU A 21 4.36 8.70 -1.21
CA LEU A 21 3.37 9.72 -0.71
C LEU A 21 3.09 9.67 0.83
N HIS A 22 2.72 8.48 1.38
CA HIS A 22 2.20 8.29 2.75
C HIS A 22 2.82 6.95 3.21
N ALA A 23 3.80 7.05 4.14
CA ALA A 23 4.57 5.89 4.64
C ALA A 23 3.86 4.96 5.67
N GLY A 24 3.13 5.50 6.68
CA GLY A 24 2.43 4.70 7.70
C GLY A 24 1.84 5.60 8.77
N TYR A 2 -3.45 -8.34 0.16
CA TYR A 2 -2.34 -8.17 1.13
C TYR A 2 -2.90 -7.46 2.39
N THR A 3 -3.37 -8.20 3.41
CA THR A 3 -4.10 -7.58 4.57
C THR A 3 -3.03 -6.89 5.48
N VAL A 4 -3.16 -5.58 5.49
CA VAL A 4 -2.29 -4.63 6.28
C VAL A 4 -3.35 -4.13 7.37
N PRO A 5 -3.43 -4.57 8.69
CA PRO A 5 -4.55 -4.21 9.61
C PRO A 5 -5.89 -4.83 9.11
N SER A 6 -6.77 -3.96 8.59
CA SER A 6 -7.96 -4.37 7.80
C SER A 6 -7.92 -3.66 6.39
N THR A 8 -6.71 -5.22 2.63
CA THR A 8 -6.28 -6.13 1.54
C THR A 8 -6.66 -5.34 0.24
N PHE A 9 -5.69 -4.62 -0.38
CA PHE A 9 -5.98 -3.63 -1.46
C PHE A 9 -5.91 -4.41 -2.84
N SER A 10 -5.02 -4.02 -3.79
CA SER A 10 -4.66 -4.77 -5.01
C SER A 10 -3.12 -4.70 -5.02
N ARG A 11 -2.56 -5.90 -5.01
CA ARG A 11 -1.15 -6.18 -4.66
C ARG A 11 0.04 -5.27 -5.09
N SER A 12 0.18 -4.90 -6.39
CA SER A 12 1.43 -4.24 -6.90
C SER A 12 1.39 -2.72 -7.24
N ASP A 13 0.39 -2.22 -7.98
CA ASP A 13 0.21 -0.75 -8.23
C ASP A 13 -0.19 0.13 -7.00
N GLU A 14 -0.65 -0.47 -5.91
CA GLU A 14 -1.26 0.21 -4.73
C GLU A 14 -0.35 -0.06 -3.50
N LEU A 15 -0.32 0.93 -2.58
CA LEU A 15 0.66 1.04 -1.44
C LEU A 15 2.18 1.16 -1.83
N ALA A 16 2.65 0.57 -2.96
CA ALA A 16 3.96 0.89 -3.59
C ALA A 16 4.07 2.34 -4.17
N LYS A 17 2.97 2.85 -4.79
CA LYS A 17 2.80 4.24 -5.21
C LYS A 17 2.67 5.24 -3.99
N LEU A 18 1.86 4.90 -2.96
CA LEU A 18 1.72 5.65 -1.68
C LEU A 18 2.99 5.66 -0.77
N LEU A 19 3.73 4.53 -0.55
CA LEU A 19 4.92 4.47 0.37
C LEU A 19 6.13 5.38 -0.02
N ARG A 20 6.44 5.55 -1.32
CA ARG A 20 7.39 6.59 -1.84
C ARG A 20 6.91 8.07 -1.64
N LEU A 21 5.60 8.39 -1.78
CA LEU A 21 5.02 9.72 -1.40
C LEU A 21 5.00 10.03 0.13
N HIS A 22 4.44 9.12 0.97
CA HIS A 22 4.13 9.36 2.40
C HIS A 22 4.45 8.01 3.08
N ALA A 23 5.56 7.97 3.84
CA ALA A 23 6.04 6.74 4.54
C ALA A 23 5.31 6.36 5.85
N GLY A 24 5.00 7.30 6.76
CA GLY A 24 4.30 7.01 8.03
C GLY A 24 4.25 8.26 8.92
N TYR A 2 -4.58 -8.31 -0.34
CA TYR A 2 -3.39 -7.73 0.34
C TYR A 2 -3.32 -7.95 1.88
N THR A 3 -4.36 -7.51 2.63
CA THR A 3 -4.45 -7.31 4.09
C THR A 3 -3.11 -6.85 4.79
N VAL A 4 -3.16 -5.62 5.25
CA VAL A 4 -2.14 -5.00 6.17
C VAL A 4 -3.02 -4.71 7.46
N PRO A 5 -3.02 -5.41 8.66
CA PRO A 5 -3.99 -5.17 9.77
C PRO A 5 -5.44 -5.48 9.29
N SER A 6 -6.17 -4.39 8.97
CA SER A 6 -7.46 -4.42 8.23
C SER A 6 -7.39 -3.49 6.97
N THR A 8 -6.89 -4.36 2.98
CA THR A 8 -6.81 -5.07 1.67
C THR A 8 -6.82 -4.00 0.51
N PHE A 9 -5.86 -4.09 -0.41
CA PHE A 9 -5.55 -3.06 -1.43
C PHE A 9 -5.83 -3.74 -2.82
N SER A 10 -4.84 -3.79 -3.75
CA SER A 10 -4.85 -4.56 -5.00
C SER A 10 -3.37 -4.83 -5.31
N ARG A 11 -3.08 -6.12 -5.24
CA ARG A 11 -1.81 -6.81 -5.68
C ARG A 11 -0.51 -5.96 -5.96
N SER A 12 -0.02 -5.33 -4.87
CA SER A 12 1.22 -4.49 -4.78
C SER A 12 1.74 -3.66 -6.03
N ASP A 13 0.77 -3.01 -6.69
CA ASP A 13 0.99 -1.93 -7.68
C ASP A 13 0.62 -0.56 -7.02
N GLU A 14 -0.46 -0.54 -6.21
CA GLU A 14 -0.92 0.60 -5.39
C GLU A 14 -0.05 0.89 -4.13
N LEU A 15 0.17 -0.04 -3.15
CA LEU A 15 1.03 0.23 -1.95
C LEU A 15 2.50 0.68 -2.24
N ALA A 16 3.20 0.08 -3.25
CA ALA A 16 4.49 0.63 -3.77
C ALA A 16 4.48 2.05 -4.38
N LYS A 17 3.32 2.50 -4.94
CA LYS A 17 3.07 3.92 -5.35
C LYS A 17 2.85 4.83 -4.08
N LEU A 18 1.93 4.49 -3.13
CA LEU A 18 1.69 5.20 -1.86
C LEU A 18 2.89 5.28 -0.86
N LEU A 19 3.70 4.22 -0.61
CA LEU A 19 4.80 4.24 0.42
C LEU A 19 5.89 5.34 0.23
N ARG A 20 6.37 5.58 -1.01
CA ARG A 20 7.23 6.76 -1.38
C ARG A 20 6.53 8.17 -1.27
N LEU A 21 5.25 8.29 -1.69
CA LEU A 21 4.41 9.51 -1.48
C LEU A 21 4.11 9.95 -0.02
N HIS A 22 3.66 9.00 0.85
CA HIS A 22 3.08 9.29 2.18
C HIS A 22 3.92 8.50 3.22
N ALA A 23 3.39 7.51 3.97
CA ALA A 23 4.05 6.79 5.11
C ALA A 23 4.66 7.71 6.21
N GLY A 24 3.90 7.89 7.30
CA GLY A 24 4.30 8.75 8.45
C GLY A 24 5.20 8.05 9.47
N TYR A 2 -4.29 -8.04 -0.87
CA TYR A 2 -3.28 -7.46 0.07
C TYR A 2 -3.84 -7.58 1.51
N THR A 3 -2.95 -7.46 2.54
CA THR A 3 -3.34 -7.22 3.92
C THR A 3 -2.16 -6.46 4.56
N VAL A 4 -2.47 -5.30 5.16
CA VAL A 4 -1.54 -4.57 6.08
C VAL A 4 -2.51 -4.08 7.24
N PRO A 5 -2.60 -4.58 8.54
CA PRO A 5 -3.58 -4.07 9.56
C PRO A 5 -5.05 -4.29 9.10
N SER A 6 -5.72 -3.17 8.78
CA SER A 6 -7.02 -3.16 8.04
C SER A 6 -6.85 -2.42 6.67
N THR A 8 -6.40 -3.94 2.85
CA THR A 8 -6.39 -4.80 1.65
C THR A 8 -6.52 -3.82 0.43
N PHE A 9 -5.58 -3.86 -0.53
CA PHE A 9 -5.41 -2.83 -1.59
C PHE A 9 -5.92 -3.45 -2.95
N SER A 10 -5.07 -3.49 -4.01
CA SER A 10 -5.32 -4.17 -5.30
C SER A 10 -4.40 -5.39 -5.32
N ARG A 11 -3.08 -5.34 -5.64
CA ARG A 11 -2.22 -6.56 -5.71
C ARG A 11 -0.71 -6.28 -5.38
N SER A 12 0.04 -5.59 -6.27
CA SER A 12 1.47 -5.21 -6.07
C SER A 12 1.86 -3.76 -6.46
N ASP A 13 1.18 -3.13 -7.44
CA ASP A 13 1.32 -1.67 -7.75
C ASP A 13 0.98 -0.66 -6.62
N GLU A 14 -0.01 -0.96 -5.76
CA GLU A 14 -0.59 0.01 -4.78
C GLU A 14 0.37 0.37 -3.61
N LEU A 15 0.85 -0.57 -2.73
CA LEU A 15 1.78 -0.24 -1.60
C LEU A 15 3.13 0.43 -2.02
N ALA A 16 3.76 -0.04 -3.13
CA ALA A 16 4.89 0.67 -3.80
C ALA A 16 4.58 2.05 -4.46
N LYS A 17 3.33 2.31 -4.93
CA LYS A 17 2.83 3.65 -5.32
C LYS A 17 2.63 4.59 -4.07
N LEU A 18 1.81 4.18 -3.07
CA LEU A 18 1.48 4.93 -1.86
C LEU A 18 2.64 5.12 -0.81
N LEU A 19 3.65 4.22 -0.66
CA LEU A 19 4.76 4.41 0.34
C LEU A 19 5.66 5.69 0.19
N ARG A 20 6.01 6.12 -1.05
CA ARG A 20 6.68 7.43 -1.33
C ARG A 20 5.80 8.69 -1.00
N LEU A 21 4.48 8.69 -1.27
CA LEU A 21 3.51 9.74 -0.79
C LEU A 21 3.28 9.77 0.76
N HIS A 22 2.92 8.62 1.37
CA HIS A 22 2.43 8.52 2.77
C HIS A 22 3.06 7.21 3.30
N ALA A 23 4.06 7.35 4.19
CA ALA A 23 4.82 6.21 4.77
C ALA A 23 4.12 5.41 5.91
N GLY A 24 3.47 6.09 6.90
CA GLY A 24 2.79 5.41 8.01
C GLY A 24 2.15 6.44 8.94
N TYR A 2 -4.76 -8.08 -1.18
CA TYR A 2 -3.78 -7.63 -0.16
C TYR A 2 -4.36 -7.88 1.25
N THR A 3 -3.49 -7.88 2.29
CA THR A 3 -3.90 -7.74 3.70
C THR A 3 -2.68 -7.06 4.38
N VAL A 4 -2.96 -5.92 5.04
CA VAL A 4 -1.99 -5.29 6.00
C VAL A 4 -2.93 -4.92 7.23
N PRO A 5 -2.98 -5.56 8.46
CA PRO A 5 -3.95 -5.20 9.55
C PRO A 5 -5.42 -5.43 9.09
N SER A 6 -6.13 -4.31 8.87
CA SER A 6 -7.43 -4.28 8.14
C SER A 6 -7.32 -3.39 6.87
N THR A 8 -6.86 -4.36 2.88
CA THR A 8 -6.83 -5.06 1.57
C THR A 8 -6.86 -3.94 0.47
N PHE A 9 -6.02 -4.07 -0.58
CA PHE A 9 -5.71 -2.99 -1.55
C PHE A 9 -5.98 -3.54 -3.01
N SER A 10 -5.02 -3.37 -3.96
CA SER A 10 -4.97 -4.02 -5.29
C SER A 10 -3.92 -5.11 -5.06
N ARG A 11 -2.62 -5.06 -5.48
CA ARG A 11 -1.67 -6.20 -5.23
C ARG A 11 -0.15 -5.86 -5.13
N SER A 12 0.46 -5.26 -6.18
CA SER A 12 1.94 -4.97 -6.23
C SER A 12 2.33 -3.49 -6.49
N ASP A 13 1.64 -2.78 -7.42
CA ASP A 13 1.78 -1.30 -7.60
C ASP A 13 1.26 -0.41 -6.42
N GLU A 14 0.15 -0.81 -5.77
CA GLU A 14 -0.66 0.01 -4.82
C GLU A 14 0.00 0.30 -3.44
N LEU A 15 0.52 -0.69 -2.65
CA LEU A 15 1.28 -0.41 -1.39
C LEU A 15 2.59 0.43 -1.59
N ALA A 16 3.44 0.08 -2.60
CA ALA A 16 4.56 0.94 -3.07
C ALA A 16 4.22 2.33 -3.69
N LYS A 17 2.98 2.54 -4.20
CA LYS A 17 2.42 3.87 -4.59
C LYS A 17 2.21 4.82 -3.36
N LEU A 18 1.47 4.38 -2.30
CA LEU A 18 1.24 5.16 -1.06
C LEU A 18 2.50 5.46 -0.18
N LEU A 19 3.41 4.49 0.10
CA LEU A 19 4.67 4.75 0.88
C LEU A 19 5.74 5.62 0.13
N ARG A 20 5.91 5.46 -1.20
CA ARG A 20 6.70 6.41 -2.06
C ARG A 20 6.11 7.86 -2.16
N LEU A 21 4.75 8.04 -2.20
CA LEU A 21 4.09 9.38 -2.06
C LEU A 21 4.18 10.02 -0.64
N HIS A 22 3.81 9.26 0.43
CA HIS A 22 3.61 9.79 1.80
C HIS A 22 4.19 8.68 2.71
N ALA A 23 5.36 8.97 3.32
CA ALA A 23 6.08 8.01 4.20
C ALA A 23 5.55 7.86 5.66
N GLY A 24 5.22 8.96 6.37
CA GLY A 24 4.71 8.93 7.76
C GLY A 24 5.85 8.99 8.77
N TYR A 2 -4.42 -7.94 -0.81
CA TYR A 2 -3.45 -7.51 0.24
C TYR A 2 -4.05 -7.76 1.65
N THR A 3 -3.23 -7.59 2.71
CA THR A 3 -3.70 -7.40 4.09
C THR A 3 -2.61 -6.52 4.76
N VAL A 4 -3.05 -5.38 5.33
CA VAL A 4 -2.21 -4.56 6.26
C VAL A 4 -3.20 -4.29 7.47
N PRO A 5 -3.18 -4.88 8.73
CA PRO A 5 -4.20 -4.63 9.80
C PRO A 5 -5.61 -5.10 9.34
N SER A 6 -6.42 -4.10 8.92
CA SER A 6 -7.68 -4.31 8.16
C SER A 6 -7.67 -3.44 6.86
N THR A 8 -6.92 -4.47 2.91
CA THR A 8 -6.77 -5.23 1.66
C THR A 8 -6.91 -4.23 0.46
N PHE A 9 -5.95 -4.19 -0.48
CA PHE A 9 -5.92 -3.21 -1.61
C PHE A 9 -5.69 -4.07 -2.92
N SER A 10 -4.72 -3.69 -3.78
CA SER A 10 -4.16 -4.46 -4.91
C SER A 10 -2.66 -4.64 -4.58
N ARG A 11 -2.17 -5.78 -5.07
CA ARG A 11 -0.88 -6.40 -4.67
C ARG A 11 0.44 -5.61 -4.85
N SER A 12 0.78 -5.09 -6.05
CA SER A 12 2.11 -4.47 -6.35
C SER A 12 2.11 -3.01 -6.85
N ASP A 13 1.21 -2.62 -7.79
CA ASP A 13 1.03 -1.22 -8.26
C ASP A 13 0.44 -0.19 -7.24
N GLU A 14 -0.13 -0.65 -6.10
CA GLU A 14 -0.96 0.15 -5.17
C GLU A 14 -0.17 0.56 -3.89
N LEU A 15 0.12 -0.33 -2.89
CA LEU A 15 0.92 0.07 -1.68
C LEU A 15 2.36 0.64 -1.98
N ALA A 16 3.02 0.17 -3.06
CA ALA A 16 4.22 0.81 -3.64
C ALA A 16 4.03 2.25 -4.22
N LYS A 17 2.81 2.60 -4.71
CA LYS A 17 2.40 3.99 -5.06
C LYS A 17 2.20 4.92 -3.82
N LEU A 18 1.48 4.47 -2.75
CA LEU A 18 1.35 5.17 -1.44
C LEU A 18 2.66 5.29 -0.61
N LEU A 19 3.50 4.24 -0.44
CA LEU A 19 4.76 4.30 0.38
C LEU A 19 5.85 5.31 -0.10
N ARG A 20 6.04 5.49 -1.43
CA ARG A 20 6.86 6.60 -2.01
C ARG A 20 6.26 8.03 -1.79
N LEU A 21 4.92 8.24 -1.84
CA LEU A 21 4.25 9.51 -1.42
C LEU A 21 4.34 9.83 0.11
N HIS A 22 3.92 8.89 0.99
CA HIS A 22 3.70 9.11 2.44
C HIS A 22 4.18 7.81 3.10
N ALA A 23 5.35 7.89 3.78
CA ALA A 23 6.00 6.72 4.44
C ALA A 23 5.40 6.28 5.82
N GLY A 24 5.08 7.22 6.75
CA GLY A 24 4.51 6.88 8.06
C GLY A 24 4.35 8.15 8.91
N TYR A 2 -4.81 -8.69 -0.43
CA TYR A 2 -3.54 -7.97 -0.02
C TYR A 2 -3.24 -8.10 1.51
N THR A 3 -4.14 -7.54 2.36
CA THR A 3 -4.01 -7.26 3.81
C THR A 3 -2.60 -6.75 4.29
N VAL A 4 -2.67 -5.59 4.91
CA VAL A 4 -1.54 -4.96 5.69
C VAL A 4 -2.32 -4.09 6.79
N PRO A 5 -2.35 -4.29 8.17
CA PRO A 5 -2.99 -3.35 9.14
C PRO A 5 -4.44 -2.86 8.82
N SER A 6 -5.40 -3.78 8.52
CA SER A 6 -6.74 -3.49 7.90
C SER A 6 -6.71 -2.62 6.58
N THR A 8 -6.50 -4.00 2.66
CA THR A 8 -6.52 -4.92 1.52
C THR A 8 -6.61 -3.94 0.30
N PHE A 9 -5.48 -3.75 -0.42
CA PHE A 9 -5.31 -2.67 -1.43
C PHE A 9 -5.86 -3.20 -2.81
N SER A 10 -5.02 -3.30 -3.87
CA SER A 10 -5.32 -3.98 -5.15
C SER A 10 -4.40 -5.20 -5.07
N ARG A 11 -3.14 -5.22 -5.61
CA ARG A 11 -2.33 -6.47 -5.69
C ARG A 11 -0.80 -6.24 -5.45
N SER A 12 -0.09 -5.50 -6.34
CA SER A 12 1.35 -5.13 -6.18
C SER A 12 1.71 -3.66 -6.54
N ASP A 13 1.01 -3.00 -7.48
CA ASP A 13 1.14 -1.54 -7.77
C ASP A 13 0.87 -0.56 -6.60
N GLU A 14 -0.12 -0.84 -5.73
CA GLU A 14 -0.65 0.09 -4.70
C GLU A 14 0.31 0.35 -3.49
N LEU A 15 0.89 -0.67 -2.80
CA LEU A 15 1.86 -0.46 -1.69
C LEU A 15 3.20 0.25 -2.11
N ALA A 16 3.79 -0.13 -3.26
CA ALA A 16 4.91 0.59 -3.91
C ALA A 16 4.61 2.03 -4.45
N LYS A 17 3.38 2.29 -4.97
CA LYS A 17 2.85 3.67 -5.25
C LYS A 17 2.63 4.51 -3.93
N LEU A 18 1.95 3.92 -2.92
CA LEU A 18 1.53 4.55 -1.66
C LEU A 18 2.65 4.81 -0.62
N LEU A 19 3.67 3.93 -0.41
CA LEU A 19 4.79 4.19 0.57
C LEU A 19 5.69 5.44 0.28
N ARG A 20 5.89 5.82 -1.01
CA ARG A 20 6.54 7.12 -1.41
C ARG A 20 5.69 8.40 -1.04
N LEU A 21 4.35 8.42 -1.24
CA LEU A 21 3.45 9.53 -0.78
C LEU A 21 3.23 9.57 0.77
N HIS A 22 2.83 8.44 1.39
CA HIS A 22 2.32 8.35 2.79
C HIS A 22 2.90 7.03 3.38
N ALA A 23 3.70 7.16 4.45
CA ALA A 23 4.29 6.02 5.21
C ALA A 23 4.10 6.34 6.71
N GLY A 24 3.00 5.82 7.28
CA GLY A 24 2.64 6.03 8.70
C GLY A 24 1.38 5.24 9.05
N TYR A 2 -4.62 -7.95 -0.20
CA TYR A 2 -3.41 -8.26 0.64
C TYR A 2 -3.42 -7.41 1.92
N THR A 3 -3.88 -7.94 3.06
CA THR A 3 -4.15 -7.13 4.29
C THR A 3 -2.77 -6.79 4.97
N VAL A 4 -2.61 -5.50 5.18
CA VAL A 4 -1.42 -4.89 5.87
C VAL A 4 -2.09 -3.81 6.83
N PRO A 5 -2.17 -3.85 8.21
CA PRO A 5 -2.73 -2.75 9.08
C PRO A 5 -4.12 -2.17 8.68
N SER A 6 -5.13 -3.04 8.37
CA SER A 6 -6.42 -2.67 7.69
C SER A 6 -6.24 -1.98 6.29
N THR A 8 -6.15 -3.93 2.56
CA THR A 8 -6.20 -4.95 1.49
C THR A 8 -6.27 -4.09 0.17
N PHE A 9 -5.10 -3.76 -0.44
CA PHE A 9 -5.00 -2.70 -1.49
C PHE A 9 -5.56 -3.22 -2.88
N SER A 10 -4.71 -3.72 -3.82
CA SER A 10 -5.13 -4.39 -5.07
C SER A 10 -4.18 -5.58 -5.15
N ARG A 11 -3.01 -5.55 -5.87
CA ARG A 11 -2.21 -6.77 -6.12
C ARG A 11 -0.69 -6.43 -5.92
N SER A 12 0.08 -5.96 -6.93
CA SER A 12 1.46 -5.42 -6.75
C SER A 12 1.67 -4.16 -7.66
N ASP A 13 1.08 -3.04 -7.17
CA ASP A 13 1.14 -1.66 -7.76
C ASP A 13 0.83 -0.57 -6.70
N GLU A 14 -0.05 -0.88 -5.73
CA GLU A 14 -0.64 0.06 -4.77
C GLU A 14 0.30 0.35 -3.56
N LEU A 15 0.69 -0.63 -2.69
CA LEU A 15 1.69 -0.45 -1.59
C LEU A 15 3.02 0.29 -1.97
N ALA A 16 3.59 -0.03 -3.15
CA ALA A 16 4.70 0.73 -3.78
C ALA A 16 4.37 2.17 -4.30
N LYS A 17 3.14 2.42 -4.80
CA LYS A 17 2.57 3.77 -5.10
C LYS A 17 2.33 4.61 -3.77
N LEU A 18 1.53 4.10 -2.82
CA LEU A 18 1.19 4.72 -1.52
C LEU A 18 2.37 4.90 -0.51
N LEU A 19 3.36 3.98 -0.36
CA LEU A 19 4.51 4.19 0.60
C LEU A 19 5.40 5.45 0.40
N ARG A 20 5.57 5.94 -0.85
CA ARG A 20 6.22 7.26 -1.17
C ARG A 20 5.40 8.51 -0.68
N LEU A 21 4.05 8.56 -0.85
CA LEU A 21 3.17 9.59 -0.23
C LEU A 21 2.99 9.48 1.32
N HIS A 22 2.57 8.31 1.84
CA HIS A 22 2.13 8.11 3.24
C HIS A 22 2.72 6.76 3.67
N ALA A 23 3.76 6.81 4.53
CA ALA A 23 4.50 5.61 5.02
C ALA A 23 3.89 4.89 6.27
N GLY A 24 3.48 5.63 7.33
CA GLY A 24 2.88 5.04 8.56
C GLY A 24 1.36 4.94 8.44
N TYR A 2 -4.00 -8.24 0.26
CA TYR A 2 -2.75 -8.24 1.06
C TYR A 2 -3.05 -7.42 2.33
N THR A 3 -3.49 -8.07 3.44
CA THR A 3 -4.04 -7.34 4.62
C THR A 3 -2.84 -6.70 5.40
N VAL A 4 -2.88 -5.38 5.40
CA VAL A 4 -1.94 -4.51 6.20
C VAL A 4 -2.92 -3.97 7.33
N PRO A 5 -2.98 -4.42 8.65
CA PRO A 5 -4.04 -4.02 9.62
C PRO A 5 -5.42 -4.59 9.17
N SER A 6 -6.28 -3.68 8.67
CA SER A 6 -7.53 -4.03 7.92
C SER A 6 -7.50 -3.31 6.53
N THR A 8 -6.56 -4.80 2.64
CA THR A 8 -6.23 -5.65 1.49
C THR A 8 -6.58 -4.71 0.28
N PHE A 9 -5.57 -4.13 -0.42
CA PHE A 9 -5.79 -3.05 -1.42
C PHE A 9 -5.90 -3.77 -2.84
N SER A 10 -5.10 -3.36 -3.85
CA SER A 10 -4.88 -4.08 -5.13
C SER A 10 -3.37 -4.38 -5.09
N ARG A 11 -3.09 -5.66 -5.21
CA ARG A 11 -1.81 -6.31 -4.84
C ARG A 11 -0.45 -5.70 -5.33
N SER A 12 -0.16 -5.60 -6.65
CA SER A 12 1.19 -5.20 -7.15
C SER A 12 1.21 -3.93 -8.06
N ASP A 13 0.90 -2.78 -7.43
CA ASP A 13 1.03 -1.39 -7.96
C ASP A 13 0.75 -0.33 -6.84
N GLU A 14 -0.29 -0.55 -6.00
CA GLU A 14 -0.89 0.42 -5.04
C GLU A 14 -0.01 0.83 -3.81
N LEU A 15 0.39 -0.09 -2.90
CA LEU A 15 1.30 0.24 -1.75
C LEU A 15 2.74 0.65 -2.15
N ALA A 16 3.34 0.04 -3.22
CA ALA A 16 4.57 0.57 -3.86
C ALA A 16 4.46 1.98 -4.53
N LYS A 17 3.25 2.37 -5.02
CA LYS A 17 2.90 3.77 -5.41
C LYS A 17 2.78 4.71 -4.13
N LEU A 18 1.99 4.30 -3.10
CA LEU A 18 1.77 5.04 -1.83
C LEU A 18 3.00 5.24 -0.90
N LEU A 19 3.88 4.23 -0.66
CA LEU A 19 5.00 4.35 0.35
C LEU A 19 6.02 5.51 0.13
N ARG A 20 6.36 5.86 -1.13
CA ARG A 20 7.13 7.11 -1.47
C ARG A 20 6.36 8.45 -1.17
N LEU A 21 5.02 8.54 -1.38
CA LEU A 21 4.18 9.69 -0.91
C LEU A 21 3.97 9.78 0.64
N HIS A 22 3.49 8.69 1.29
CA HIS A 22 3.00 8.67 2.69
C HIS A 22 3.41 7.30 3.27
N ALA A 23 4.25 7.33 4.32
CA ALA A 23 4.70 6.12 5.07
C ALA A 23 4.58 6.47 6.58
N GLY A 24 3.42 6.10 7.16
CA GLY A 24 3.09 6.34 8.58
C GLY A 24 2.35 7.67 8.75
N TYR A 2 -4.68 -7.60 -0.72
CA TYR A 2 -3.42 -7.12 -0.05
C TYR A 2 -3.27 -7.49 1.45
N THR A 3 -4.25 -7.08 2.29
CA THR A 3 -4.25 -7.00 3.77
C THR A 3 -2.88 -6.56 4.41
N VAL A 4 -2.97 -5.40 5.04
CA VAL A 4 -1.91 -4.84 5.96
C VAL A 4 -2.77 -4.51 7.25
N PRO A 5 -2.80 -5.21 8.46
CA PRO A 5 -3.73 -4.90 9.58
C PRO A 5 -5.21 -5.09 9.15
N SER A 6 -5.87 -3.95 8.89
CA SER A 6 -7.18 -3.87 8.18
C SER A 6 -7.07 -2.92 6.94
N THR A 8 -6.72 -3.85 2.90
CA THR A 8 -6.70 -4.59 1.62
C THR A 8 -6.84 -3.50 0.51
N PHE A 9 -5.81 -3.34 -0.35
CA PHE A 9 -5.76 -2.28 -1.40
C PHE A 9 -6.02 -3.05 -2.75
N SER A 10 -5.04 -3.09 -3.69
CA SER A 10 -5.03 -3.95 -4.89
C SER A 10 -3.86 -4.93 -4.62
N ARG A 11 -2.81 -5.00 -5.46
CA ARG A 11 -1.86 -6.14 -5.43
C ARG A 11 -0.42 -5.53 -5.43
N SER A 12 0.43 -5.67 -6.47
CA SER A 12 1.85 -5.18 -6.46
C SER A 12 2.11 -3.70 -6.83
N ASP A 13 1.27 -3.06 -7.69
CA ASP A 13 1.32 -1.57 -7.92
C ASP A 13 1.03 -0.67 -6.68
N GLU A 14 0.06 -1.05 -5.82
CA GLU A 14 -0.25 -0.35 -4.54
C GLU A 14 0.80 -0.73 -3.44
N LEU A 15 0.97 0.16 -2.42
CA LEU A 15 2.05 0.13 -1.38
C LEU A 15 3.43 0.59 -1.92
N ALA A 16 3.90 0.10 -3.09
CA ALA A 16 5.03 0.74 -3.83
C ALA A 16 4.70 2.12 -4.48
N LYS A 17 3.45 2.33 -4.97
CA LYS A 17 2.87 3.65 -5.33
C LYS A 17 2.60 4.52 -4.03
N LEU A 18 1.84 3.99 -3.04
CA LEU A 18 1.44 4.67 -1.80
C LEU A 18 2.57 4.98 -0.77
N LEU A 19 3.60 4.11 -0.53
CA LEU A 19 4.69 4.40 0.46
C LEU A 19 5.62 5.61 0.12
N ARG A 20 5.94 5.85 -1.17
CA ARG A 20 6.61 7.09 -1.68
C ARG A 20 5.78 8.41 -1.49
N LEU A 21 4.44 8.41 -1.69
CA LEU A 21 3.53 9.54 -1.33
C LEU A 21 3.33 9.76 0.21
N HIS A 22 2.92 8.71 0.97
CA HIS A 22 2.46 8.82 2.37
C HIS A 22 3.04 7.56 3.06
N ALA A 23 4.09 7.75 3.87
CA ALA A 23 4.82 6.65 4.56
C ALA A 23 4.13 6.06 5.83
N GLY A 24 3.58 6.88 6.75
CA GLY A 24 2.91 6.41 7.99
C GLY A 24 3.90 6.30 9.15
N TYR A 2 -4.77 -7.73 -0.93
CA TYR A 2 -3.69 -7.39 0.03
C TYR A 2 -4.20 -7.63 1.48
N THR A 3 -3.29 -7.54 2.48
CA THR A 3 -3.65 -7.38 3.89
C THR A 3 -2.47 -6.60 4.53
N VAL A 4 -2.81 -5.46 5.17
CA VAL A 4 -1.87 -4.73 6.08
C VAL A 4 -2.80 -4.38 7.32
N PRO A 5 -2.81 -4.98 8.58
CA PRO A 5 -3.76 -4.63 9.67
C PRO A 5 -5.23 -4.95 9.24
N SER A 6 -5.98 -3.86 8.96
CA SER A 6 -7.29 -3.92 8.24
C SER A 6 -7.23 -3.05 6.93
N THR A 8 -6.73 -4.13 2.99
CA THR A 8 -6.70 -4.90 1.72
C THR A 8 -6.85 -3.86 0.55
N PHE A 9 -5.94 -3.85 -0.44
CA PHE A 9 -5.89 -2.84 -1.53
C PHE A 9 -5.89 -3.63 -2.90
N SER A 10 -4.96 -3.30 -3.82
CA SER A 10 -4.60 -4.04 -5.07
C SER A 10 -3.15 -4.53 -4.85
N ARG A 11 -2.89 -5.74 -5.36
CA ARG A 11 -1.72 -6.56 -5.03
C ARG A 11 -0.26 -6.01 -5.11
N SER A 12 0.20 -5.43 -6.25
CA SER A 12 1.65 -5.12 -6.47
C SER A 12 2.03 -3.64 -6.76
N ASP A 13 1.34 -2.94 -7.70
CA ASP A 13 1.56 -1.49 -7.99
C ASP A 13 1.15 -0.49 -6.85
N GLU A 14 0.08 -0.80 -6.08
CA GLU A 14 -0.62 0.09 -5.12
C GLU A 14 0.19 0.44 -3.83
N LEU A 15 0.60 -0.51 -2.95
CA LEU A 15 1.41 -0.19 -1.72
C LEU A 15 2.81 0.45 -2.01
N ALA A 16 3.54 -0.02 -3.06
CA ALA A 16 4.73 0.69 -3.61
C ALA A 16 4.50 2.11 -4.22
N LYS A 17 3.29 2.38 -4.79
CA LYS A 17 2.82 3.75 -5.16
C LYS A 17 2.53 4.63 -3.90
N LEU A 18 1.70 4.16 -2.93
CA LEU A 18 1.38 4.84 -1.65
C LEU A 18 2.57 5.09 -0.66
N LEU A 19 3.53 4.15 -0.47
CA LEU A 19 4.72 4.35 0.44
C LEU A 19 5.69 5.52 0.05
N ARG A 20 5.96 5.74 -1.26
CA ARG A 20 6.66 6.97 -1.77
C ARG A 20 5.92 8.33 -1.54
N LEU A 21 4.57 8.39 -1.73
CA LEU A 21 3.71 9.55 -1.33
C LEU A 21 3.62 9.82 0.21
N HIS A 22 3.26 8.80 1.02
CA HIS A 22 2.89 8.94 2.44
C HIS A 22 3.50 7.68 3.12
N ALA A 23 4.59 7.91 3.89
CA ALA A 23 5.34 6.82 4.57
C ALA A 23 4.71 6.27 5.89
N GLY A 24 4.22 7.13 6.81
CA GLY A 24 3.60 6.70 8.09
C GLY A 24 4.65 6.61 9.21
N TYR A 2 -4.47 -8.34 -1.12
CA TYR A 2 -3.43 -7.89 -0.16
C TYR A 2 -4.00 -8.09 1.27
N THR A 3 -3.14 -8.08 2.32
CA THR A 3 -3.56 -7.94 3.72
C THR A 3 -2.38 -7.25 4.44
N VAL A 4 -2.70 -6.13 5.11
CA VAL A 4 -1.78 -5.46 6.10
C VAL A 4 -2.81 -4.80 7.12
N PRO A 5 -3.09 -5.22 8.42
CA PRO A 5 -4.05 -4.52 9.34
C PRO A 5 -5.49 -4.49 8.77
N SER A 6 -6.07 -3.28 8.68
CA SER A 6 -7.31 -3.03 7.89
C SER A 6 -6.95 -2.37 6.51
N THR A 8 -6.58 -4.30 2.78
CA THR A 8 -6.59 -5.29 1.68
C THR A 8 -6.67 -4.31 0.44
N PHE A 9 -5.53 -4.14 -0.26
CA PHE A 9 -5.29 -3.08 -1.27
C PHE A 9 -5.83 -3.57 -2.67
N SER A 10 -4.99 -3.52 -3.73
CA SER A 10 -5.21 -4.13 -5.05
C SER A 10 -4.17 -5.24 -5.07
N ARG A 11 -2.92 -5.12 -5.62
CA ARG A 11 -2.02 -6.31 -5.81
C ARG A 11 -0.51 -6.01 -5.53
N SER A 12 0.16 -5.19 -6.37
CA SER A 12 1.59 -4.77 -6.21
C SER A 12 1.88 -3.27 -6.47
N ASP A 13 1.10 -2.57 -7.33
CA ASP A 13 1.14 -1.08 -7.48
C ASP A 13 0.83 -0.25 -6.21
N GLU A 14 -0.15 -0.65 -5.37
CA GLU A 14 -0.71 0.16 -4.26
C GLU A 14 0.27 0.39 -3.05
N LEU A 15 0.80 -0.65 -2.35
CA LEU A 15 1.79 -0.48 -1.23
C LEU A 15 3.05 0.39 -1.57
N ALA A 16 3.65 0.18 -2.76
CA ALA A 16 4.70 1.06 -3.33
C ALA A 16 4.27 2.45 -3.86
N LYS A 17 3.03 2.65 -4.36
CA LYS A 17 2.43 3.98 -4.68
C LYS A 17 2.18 4.85 -3.38
N LEU A 18 1.44 4.33 -2.37
CA LEU A 18 1.14 5.00 -1.09
C LEU A 18 2.36 5.25 -0.16
N LEU A 19 3.30 4.28 0.07
CA LEU A 19 4.55 4.53 0.87
C LEU A 19 5.63 5.40 0.16
N ARG A 20 5.76 5.38 -1.20
CA ARG A 20 6.58 6.37 -1.97
C ARG A 20 5.98 7.82 -1.98
N LEU A 21 4.63 8.01 -2.07
CA LEU A 21 3.96 9.32 -1.86
C LEU A 21 4.00 9.87 -0.38
N HIS A 22 3.54 9.06 0.60
CA HIS A 22 3.28 9.50 1.99
C HIS A 22 3.74 8.29 2.86
N ALA A 23 4.88 8.45 3.54
CA ALA A 23 5.52 7.39 4.37
C ALA A 23 4.89 7.15 5.78
N GLY A 24 4.57 8.21 6.57
CA GLY A 24 3.99 8.10 7.92
C GLY A 24 2.45 8.10 7.86
N TYR A 2 -4.55 -8.21 -0.91
CA TYR A 2 -3.50 -7.77 0.06
C TYR A 2 -4.07 -7.89 1.50
N THR A 3 -3.18 -7.83 2.53
CA THR A 3 -3.56 -7.58 3.93
C THR A 3 -2.33 -6.91 4.59
N VAL A 4 -2.59 -5.73 5.19
CA VAL A 4 -1.62 -5.08 6.14
C VAL A 4 -2.59 -4.53 7.28
N PRO A 5 -2.73 -5.01 8.57
CA PRO A 5 -3.67 -4.42 9.59
C PRO A 5 -5.15 -4.50 9.11
N SER A 6 -5.71 -3.32 8.78
CA SER A 6 -6.99 -3.18 8.04
C SER A 6 -6.75 -2.45 6.67
N THR A 8 -6.41 -4.08 2.85
CA THR A 8 -6.45 -4.98 1.68
C THR A 8 -6.53 -4.01 0.45
N PHE A 9 -5.47 -3.96 -0.38
CA PHE A 9 -5.26 -2.93 -1.43
C PHE A 9 -5.83 -3.49 -2.79
N SER A 10 -4.98 -3.68 -3.83
CA SER A 10 -5.36 -4.19 -5.16
C SER A 10 -4.34 -5.32 -5.43
N ARG A 11 -3.26 -5.18 -6.24
CA ARG A 11 -2.43 -6.33 -6.69
C ARG A 11 -0.95 -5.89 -6.91
N SER A 12 -0.14 -5.93 -5.83
CA SER A 12 1.32 -5.52 -5.79
C SER A 12 1.80 -4.32 -6.70
N ASP A 13 1.02 -3.23 -6.58
CA ASP A 13 1.31 -1.89 -7.17
C ASP A 13 0.99 -0.73 -6.17
N GLU A 14 -0.03 -0.91 -5.30
CA GLU A 14 -0.61 0.13 -4.42
C GLU A 14 0.29 0.45 -3.19
N LEU A 15 0.63 -0.51 -2.28
CA LEU A 15 1.58 -0.27 -1.13
C LEU A 15 2.96 0.40 -1.51
N ALA A 16 3.59 -0.04 -2.61
CA ALA A 16 4.75 0.65 -3.22
C ALA A 16 4.50 2.02 -3.90
N LYS A 17 3.30 2.28 -4.48
CA LYS A 17 2.83 3.63 -4.94
C LYS A 17 2.58 4.62 -3.73
N LEU A 18 1.74 4.23 -2.74
CA LEU A 18 1.40 5.01 -1.54
C LEU A 18 2.56 5.28 -0.53
N LEU A 19 3.49 4.33 -0.21
CA LEU A 19 4.61 4.60 0.77
C LEU A 19 5.64 5.70 0.37
N ARG A 20 6.02 5.81 -0.92
CA ARG A 20 6.82 6.97 -1.46
C ARG A 20 6.07 8.35 -1.44
N LEU A 21 4.73 8.41 -1.70
CA LEU A 21 3.89 9.63 -1.48
C LEU A 21 3.69 10.04 0.02
N HIS A 22 3.22 9.10 0.89
CA HIS A 22 2.74 9.38 2.26
C HIS A 22 3.22 8.15 3.08
N ALA A 23 4.26 8.37 3.92
CA ALA A 23 4.88 7.32 4.75
C ALA A 23 4.12 6.88 6.04
N GLY A 24 3.58 7.83 6.84
CA GLY A 24 2.83 7.51 8.07
C GLY A 24 2.22 8.78 8.68
N TYR A 2 -5.17 -7.92 -0.49
CA TYR A 2 -3.73 -7.74 -0.16
C TYR A 2 -3.59 -7.31 1.32
N THR A 3 -3.73 -8.25 2.28
CA THR A 3 -3.87 -7.92 3.73
C THR A 3 -2.52 -7.47 4.36
N VAL A 4 -2.60 -6.28 4.98
CA VAL A 4 -1.53 -5.75 5.87
C VAL A 4 -2.41 -4.86 6.87
N PRO A 5 -2.71 -5.17 8.20
CA PRO A 5 -3.55 -4.30 9.08
C PRO A 5 -5.00 -4.13 8.56
N SER A 6 -5.53 -2.89 8.61
CA SER A 6 -6.78 -2.53 7.89
C SER A 6 -6.48 -1.98 6.46
N THR A 8 -6.34 -4.04 2.78
CA THR A 8 -6.48 -5.02 1.69
C THR A 8 -6.41 -4.05 0.44
N PHE A 9 -5.20 -3.81 -0.13
CA PHE A 9 -4.94 -2.72 -1.11
C PHE A 9 -5.48 -3.14 -2.53
N SER A 10 -4.63 -3.60 -3.49
CA SER A 10 -5.04 -4.22 -4.77
C SER A 10 -4.02 -5.35 -4.96
N ARG A 11 -2.95 -5.24 -5.79
CA ARG A 11 -2.08 -6.39 -6.16
C ARG A 11 -0.64 -5.89 -6.48
N SER A 12 0.21 -5.78 -5.44
CA SER A 12 1.60 -5.22 -5.47
C SER A 12 1.92 -4.04 -6.48
N ASP A 13 1.10 -2.98 -6.33
CA ASP A 13 1.22 -1.66 -7.03
C ASP A 13 0.82 -0.50 -6.07
N GLU A 14 -0.34 -0.63 -5.39
CA GLU A 14 -0.87 0.29 -4.35
C GLU A 14 0.03 0.45 -3.08
N LEU A 15 0.62 -0.62 -2.49
CA LEU A 15 1.57 -0.56 -1.34
C LEU A 15 2.85 0.30 -1.63
N ALA A 16 3.56 0.05 -2.76
CA ALA A 16 4.64 0.93 -3.28
C ALA A 16 4.25 2.32 -3.87
N LYS A 17 3.03 2.50 -4.43
CA LYS A 17 2.46 3.82 -4.83
C LYS A 17 2.16 4.74 -3.58
N LEU A 18 1.32 4.28 -2.61
CA LEU A 18 0.97 4.99 -1.37
C LEU A 18 2.12 5.15 -0.33
N LEU A 19 2.97 4.13 -0.01
CA LEU A 19 4.10 4.29 0.98
C LEU A 19 5.28 5.18 0.50
N ARG A 20 5.67 5.13 -0.80
CA ARG A 20 6.61 6.12 -1.43
C ARG A 20 6.04 7.58 -1.55
N LEU A 21 4.71 7.79 -1.82
CA LEU A 21 4.04 9.11 -1.71
C LEU A 21 3.90 9.69 -0.26
N HIS A 22 3.32 8.91 0.69
CA HIS A 22 2.91 9.39 2.03
C HIS A 22 3.26 8.21 2.97
N ALA A 23 4.31 8.40 3.78
CA ALA A 23 4.82 7.35 4.73
C ALA A 23 4.02 7.15 6.05
N GLY A 24 3.59 8.23 6.74
CA GLY A 24 2.82 8.12 8.00
C GLY A 24 2.46 9.51 8.52
N TYR A 2 -5.05 -8.81 -0.70
CA TYR A 2 -3.76 -8.13 -0.30
C TYR A 2 -3.44 -8.38 1.22
N THR A 3 -4.35 -7.92 2.13
CA THR A 3 -4.23 -7.78 3.60
C THR A 3 -2.84 -7.27 4.15
N VAL A 4 -2.98 -6.25 4.99
CA VAL A 4 -1.91 -5.71 5.88
C VAL A 4 -2.79 -5.04 7.03
N PRO A 5 -2.96 -5.50 8.33
CA PRO A 5 -3.84 -4.83 9.35
C PRO A 5 -5.33 -4.89 8.92
N SER A 6 -5.95 -3.70 8.77
CA SER A 6 -7.27 -3.54 8.10
C SER A 6 -7.10 -2.72 6.77
N THR A 8 -6.68 -4.23 2.75
CA THR A 8 -6.53 -5.12 1.58
C THR A 8 -6.61 -4.13 0.38
N PHE A 9 -5.45 -3.76 -0.22
CA PHE A 9 -5.34 -2.65 -1.21
C PHE A 9 -5.70 -3.25 -2.62
N SER A 10 -4.74 -3.41 -3.57
CA SER A 10 -4.88 -4.09 -4.87
C SER A 10 -3.45 -4.56 -5.25
N ARG A 11 -3.41 -5.83 -5.69
CA ARG A 11 -2.24 -6.68 -5.88
C ARG A 11 -0.88 -6.07 -6.35
N SER A 12 -0.10 -5.75 -5.30
CA SER A 12 1.33 -5.26 -5.34
C SER A 12 1.68 -4.13 -6.38
N ASP A 13 0.95 -3.02 -6.22
CA ASP A 13 1.20 -1.70 -6.86
C ASP A 13 0.82 -0.54 -5.90
N GLU A 14 -0.29 -0.68 -5.15
CA GLU A 14 -0.83 0.31 -4.18
C GLU A 14 0.08 0.55 -2.92
N LEU A 15 0.61 -0.48 -2.20
CA LEU A 15 1.57 -0.32 -1.07
C LEU A 15 2.87 0.47 -1.43
N ALA A 16 3.55 0.13 -2.55
CA ALA A 16 4.65 0.94 -3.13
C ALA A 16 4.30 2.31 -3.79
N LYS A 17 3.07 2.50 -4.34
CA LYS A 17 2.54 3.82 -4.79
C LYS A 17 2.27 4.79 -3.57
N LEU A 18 1.44 4.39 -2.58
CA LEU A 18 1.13 5.15 -1.35
C LEU A 18 2.32 5.36 -0.36
N LEU A 19 3.15 4.34 -0.01
CA LEU A 19 4.36 4.53 0.87
C LEU A 19 5.55 5.31 0.22
N ARG A 20 5.76 5.25 -1.12
CA ARG A 20 6.70 6.16 -1.86
C ARG A 20 6.20 7.65 -1.93
N LEU A 21 4.87 7.93 -2.11
CA LEU A 21 4.28 9.30 -1.97
C LEU A 21 4.25 9.87 -0.51
N HIS A 22 3.66 9.12 0.45
CA HIS A 22 3.33 9.62 1.81
C HIS A 22 3.61 8.44 2.79
N ALA A 23 4.51 8.68 3.77
CA ALA A 23 4.86 7.72 4.84
C ALA A 23 4.89 8.52 6.17
N GLY A 24 3.74 8.51 6.87
CA GLY A 24 3.58 9.23 8.15
C GLY A 24 2.21 8.93 8.76
N TYR A 2 -4.34 -8.91 -0.95
CA TYR A 2 -3.50 -8.06 -0.04
C TYR A 2 -4.06 -8.11 1.42
N THR A 3 -3.16 -8.03 2.42
CA THR A 3 -3.51 -7.71 3.82
C THR A 3 -2.27 -6.99 4.41
N VAL A 4 -2.53 -5.79 4.96
CA VAL A 4 -1.55 -5.05 5.83
C VAL A 4 -2.53 -4.38 6.89
N PRO A 5 -2.69 -4.73 8.22
CA PRO A 5 -3.66 -4.09 9.15
C PRO A 5 -5.14 -4.28 8.70
N SER A 6 -5.90 -3.18 8.64
CA SER A 6 -7.23 -3.16 7.95
C SER A 6 -7.09 -2.47 6.54
N THR A 8 -6.60 -4.26 2.68
CA THR A 8 -6.52 -5.19 1.54
C THR A 8 -6.59 -4.18 0.34
N PHE A 9 -5.44 -3.85 -0.28
CA PHE A 9 -5.28 -2.73 -1.25
C PHE A 9 -5.80 -3.20 -2.68
N SER A 10 -4.93 -3.55 -3.65
CA SER A 10 -5.29 -4.13 -4.96
C SER A 10 -4.33 -5.32 -5.10
N ARG A 11 -3.12 -5.21 -5.75
CA ARG A 11 -2.31 -6.40 -6.11
C ARG A 11 -0.82 -6.08 -5.74
N SER A 12 0.13 -5.84 -6.67
CA SER A 12 1.50 -5.32 -6.35
C SER A 12 1.81 -4.05 -7.20
N ASP A 13 1.12 -2.97 -6.81
CA ASP A 13 1.30 -1.57 -7.30
C ASP A 13 0.99 -0.55 -6.17
N GLU A 14 -0.05 -0.81 -5.34
CA GLU A 14 -0.60 0.13 -4.35
C GLU A 14 0.28 0.39 -3.10
N LEU A 15 0.85 -0.63 -2.39
CA LEU A 15 1.79 -0.41 -1.24
C LEU A 15 3.13 0.31 -1.62
N ALA A 16 3.76 -0.06 -2.77
CA ALA A 16 4.88 0.69 -3.38
C ALA A 16 4.59 2.11 -3.94
N LYS A 17 3.38 2.36 -4.51
CA LYS A 17 2.88 3.73 -4.85
C LYS A 17 2.53 4.57 -3.55
N LEU A 18 1.68 4.03 -2.67
CA LEU A 18 1.24 4.62 -1.38
C LEU A 18 2.36 4.92 -0.33
N LEU A 19 3.41 4.06 -0.15
CA LEU A 19 4.60 4.42 0.69
C LEU A 19 5.51 5.54 0.10
N ARG A 20 5.68 5.63 -1.24
CA ARG A 20 6.31 6.79 -1.95
C ARG A 20 5.63 8.18 -1.71
N LEU A 21 4.27 8.27 -1.65
CA LEU A 21 3.51 9.50 -1.29
C LEU A 21 3.64 9.99 0.19
N HIS A 22 3.40 9.10 1.19
CA HIS A 22 3.20 9.48 2.62
C HIS A 22 4.11 8.67 3.58
N ALA A 23 3.94 7.33 3.70
CA ALA A 23 4.62 6.43 4.68
C ALA A 23 4.72 6.96 6.14
N GLY A 24 3.70 6.59 6.97
CA GLY A 24 3.61 6.99 8.38
C GLY A 24 2.82 8.28 8.53
N TYR A 2 -5.08 -7.89 -0.75
CA TYR A 2 -3.72 -7.48 -0.29
C TYR A 2 -3.37 -7.80 1.20
N THR A 3 -4.29 -7.43 2.14
CA THR A 3 -4.15 -7.35 3.60
C THR A 3 -2.76 -6.85 4.14
N VAL A 4 -2.89 -5.79 4.94
CA VAL A 4 -1.79 -5.22 5.80
C VAL A 4 -2.63 -4.57 6.99
N PRO A 5 -2.72 -5.03 8.30
CA PRO A 5 -3.54 -4.38 9.36
C PRO A 5 -5.06 -4.45 9.00
N SER A 6 -5.64 -3.25 8.75
CA SER A 6 -6.98 -3.10 8.11
C SER A 6 -6.83 -2.30 6.77
N THR A 8 -6.65 -3.88 2.80
CA THR A 8 -6.63 -4.78 1.63
C THR A 8 -6.76 -3.82 0.40
N PHE A 9 -5.62 -3.37 -0.19
CA PHE A 9 -5.55 -2.29 -1.21
C PHE A 9 -5.94 -2.88 -2.62
N SER A 10 -4.97 -3.35 -3.44
CA SER A 10 -5.16 -4.07 -4.71
C SER A 10 -4.13 -5.21 -4.60
N ARG A 11 -2.91 -5.19 -5.21
CA ARG A 11 -2.02 -6.39 -5.26
C ARG A 11 -0.49 -6.06 -5.20
N SER A 12 0.09 -5.42 -6.24
CA SER A 12 1.55 -5.06 -6.32
C SER A 12 1.88 -3.60 -6.71
N ASP A 13 1.05 -2.91 -7.53
CA ASP A 13 1.14 -1.43 -7.75
C ASP A 13 0.91 -0.56 -6.47
N GLU A 14 -0.02 -0.98 -5.57
CA GLU A 14 -0.22 -0.38 -4.23
C GLU A 14 0.93 -0.81 -3.25
N LEU A 15 1.21 0.02 -2.21
CA LEU A 15 2.44 -0.04 -1.34
C LEU A 15 3.65 0.61 -2.04
N ALA A 16 4.03 0.21 -3.28
CA ALA A 16 5.01 0.98 -4.11
C ALA A 16 4.52 2.34 -4.68
N LYS A 17 3.22 2.47 -5.02
CA LYS A 17 2.52 3.77 -5.29
C LYS A 17 2.36 4.59 -3.95
N LEU A 18 1.72 4.01 -2.90
CA LEU A 18 1.39 4.68 -1.63
C LEU A 18 2.57 4.98 -0.67
N LEU A 19 3.60 4.10 -0.46
CA LEU A 19 4.67 4.36 0.57
C LEU A 19 5.62 5.56 0.27
N ARG A 20 5.98 5.81 -1.01
CA ARG A 20 6.66 7.06 -1.46
C ARG A 20 5.79 8.37 -1.33
N LEU A 21 4.45 8.32 -1.57
CA LEU A 21 3.51 9.44 -1.24
C LEU A 21 3.30 9.73 0.28
N HIS A 22 2.92 8.71 1.08
CA HIS A 22 2.45 8.86 2.47
C HIS A 22 3.04 7.63 3.20
N ALA A 23 4.06 7.87 4.04
CA ALA A 23 4.78 6.80 4.79
C ALA A 23 4.08 6.24 6.06
N GLY A 24 3.49 7.09 6.94
CA GLY A 24 2.79 6.66 8.18
C GLY A 24 3.76 6.59 9.36
N TYR A 2 -4.41 -8.25 -0.39
CA TYR A 2 -3.26 -8.53 0.53
C TYR A 2 -3.47 -7.72 1.84
N THR A 3 -4.06 -8.33 2.89
CA THR A 3 -4.50 -7.58 4.11
C THR A 3 -3.24 -7.25 4.97
N VAL A 4 -3.08 -5.94 5.15
CA VAL A 4 -2.02 -5.34 6.05
C VAL A 4 -2.95 -4.76 7.22
N PRO A 5 -3.12 -5.32 8.48
CA PRO A 5 -4.09 -4.80 9.49
C PRO A 5 -5.56 -4.92 8.98
N SER A 6 -6.06 -3.78 8.46
CA SER A 6 -7.30 -3.70 7.63
C SER A 6 -7.00 -2.91 6.31
N THR A 8 -6.37 -4.45 2.49
CA THR A 8 -6.30 -5.34 1.30
C THR A 8 -6.44 -4.36 0.09
N PHE A 9 -5.30 -3.94 -0.52
CA PHE A 9 -5.27 -2.82 -1.52
C PHE A 9 -5.77 -3.33 -2.92
N SER A 10 -4.88 -3.69 -3.88
CA SER A 10 -5.21 -4.33 -5.17
C SER A 10 -4.21 -5.47 -5.26
N ARG A 11 -3.08 -5.40 -6.04
CA ARG A 11 -2.22 -6.58 -6.32
C ARG A 11 -0.75 -6.12 -6.55
N SER A 12 0.03 -6.00 -5.46
CA SER A 12 1.44 -5.47 -5.43
C SER A 12 1.87 -4.35 -6.45
N ASP A 13 1.04 -3.29 -6.43
CA ASP A 13 1.26 -1.99 -7.12
C ASP A 13 0.85 -0.76 -6.26
N GLU A 14 -0.13 -0.92 -5.36
CA GLU A 14 -0.77 0.16 -4.56
C GLU A 14 0.13 0.55 -3.32
N LEU A 15 0.44 -0.36 -2.35
CA LEU A 15 1.37 -0.13 -1.19
C LEU A 15 2.71 0.63 -1.54
N ALA A 16 3.44 0.18 -2.59
CA ALA A 16 4.60 0.91 -3.17
C ALA A 16 4.32 2.25 -3.89
N LYS A 17 3.13 2.46 -4.49
CA LYS A 17 2.64 3.78 -4.99
C LYS A 17 2.31 4.78 -3.82
N LEU A 18 1.46 4.37 -2.84
CA LEU A 18 1.08 5.14 -1.64
C LEU A 18 2.23 5.45 -0.64
N LEU A 19 3.12 4.48 -0.24
CA LEU A 19 4.32 4.78 0.60
C LEU A 19 5.46 5.63 -0.06
N ARG A 20 5.38 5.94 -1.39
CA ARG A 20 6.22 6.99 -2.05
C ARG A 20 5.75 8.44 -1.69
N LEU A 21 4.41 8.74 -1.65
CA LEU A 21 3.88 10.02 -1.10
C LEU A 21 3.99 10.18 0.45
N HIS A 22 3.53 9.18 1.25
CA HIS A 22 3.36 9.29 2.72
C HIS A 22 4.10 8.10 3.39
N ALA A 23 5.25 8.38 4.03
CA ALA A 23 6.05 7.39 4.80
C ALA A 23 6.45 8.06 6.14
N GLY A 24 5.62 7.82 7.17
CA GLY A 24 5.81 8.40 8.51
C GLY A 24 4.66 8.00 9.44
N TYR A 2 -4.52 -7.96 -1.12
CA TYR A 2 -3.55 -7.51 -0.09
C TYR A 2 -4.20 -7.66 1.32
N THR A 3 -3.37 -7.77 2.38
CA THR A 3 -3.82 -7.60 3.78
C THR A 3 -2.58 -7.07 4.54
N VAL A 4 -2.79 -5.94 5.25
CA VAL A 4 -1.80 -5.46 6.27
C VAL A 4 -2.79 -5.12 7.48
N PRO A 5 -3.08 -5.96 8.56
CA PRO A 5 -4.12 -5.66 9.58
C PRO A 5 -5.55 -5.67 8.96
N SER A 6 -6.00 -4.44 8.61
CA SER A 6 -7.22 -4.18 7.79
C SER A 6 -6.98 -3.56 6.37
N THR A 8 -6.19 -3.83 3.03
CA THR A 8 -6.31 -4.54 1.76
C THR A 8 -6.26 -3.42 0.64
N PHE A 9 -5.53 -3.68 -0.46
CA PHE A 9 -5.15 -2.65 -1.48
C PHE A 9 -5.73 -3.12 -2.87
N SER A 10 -4.90 -3.18 -3.93
CA SER A 10 -5.22 -3.81 -5.24
C SER A 10 -4.36 -5.06 -5.36
N ARG A 11 -3.01 -5.02 -5.61
CA ARG A 11 -2.18 -6.25 -5.68
C ARG A 11 -0.70 -6.02 -5.24
N SER A 12 0.12 -5.31 -6.04
CA SER A 12 1.54 -4.92 -5.71
C SER A 12 1.91 -3.46 -6.07
N ASP A 13 1.32 -2.85 -7.12
CA ASP A 13 1.43 -1.39 -7.43
C ASP A 13 1.03 -0.38 -6.31
N GLU A 14 0.02 -0.70 -5.47
CA GLU A 14 -0.59 0.26 -4.50
C GLU A 14 0.29 0.49 -3.24
N LEU A 15 0.62 -0.54 -2.40
CA LEU A 15 1.50 -0.40 -1.19
C LEU A 15 2.85 0.37 -1.43
N ALA A 16 3.53 0.09 -2.56
CA ALA A 16 4.67 0.88 -3.07
C ALA A 16 4.37 2.28 -3.68
N LYS A 17 3.20 2.51 -4.30
CA LYS A 17 2.69 3.87 -4.71
C LYS A 17 2.41 4.80 -3.46
N LEU A 18 1.55 4.36 -2.51
CA LEU A 18 1.17 5.09 -1.28
C LEU A 18 2.34 5.36 -0.27
N LEU A 19 3.24 4.40 0.05
CA LEU A 19 4.47 4.66 0.87
C LEU A 19 5.60 5.47 0.17
N ARG A 20 5.80 5.34 -1.17
CA ARG A 20 6.68 6.26 -1.98
C ARG A 20 6.11 7.72 -2.12
N LEU A 21 4.78 7.93 -2.29
CA LEU A 21 4.13 9.27 -2.20
C LEU A 21 4.10 9.91 -0.77
N HIS A 22 3.57 9.16 0.25
CA HIS A 22 3.25 9.69 1.60
C HIS A 22 3.65 8.55 2.55
N ALA A 23 4.77 8.75 3.28
CA ALA A 23 5.34 7.74 4.21
C ALA A 23 4.64 7.60 5.61
N GLY A 24 4.31 8.72 6.29
CA GLY A 24 3.64 8.70 7.62
C GLY A 24 2.11 8.69 7.47
N TYR A 2 -4.60 -8.03 -0.38
CA TYR A 2 -3.39 -8.37 0.43
C TYR A 2 -3.40 -7.54 1.74
N THR A 3 -3.78 -8.15 2.89
CA THR A 3 -4.00 -7.42 4.16
C THR A 3 -2.65 -6.96 4.78
N VAL A 4 -2.59 -5.65 5.07
CA VAL A 4 -1.51 -5.04 5.89
C VAL A 4 -2.35 -4.25 7.00
N PRO A 5 -2.53 -4.61 8.32
CA PRO A 5 -3.44 -3.89 9.27
C PRO A 5 -4.92 -4.00 8.81
N SER A 6 -5.51 -2.85 8.46
CA SER A 6 -6.81 -2.77 7.72
C SER A 6 -6.57 -2.17 6.29
N THR A 8 -6.24 -4.18 2.61
CA THR A 8 -6.28 -5.16 1.50
C THR A 8 -6.38 -4.24 0.24
N PHE A 9 -5.23 -3.83 -0.38
CA PHE A 9 -5.19 -2.73 -1.40
C PHE A 9 -5.77 -3.25 -2.79
N SER A 10 -4.92 -3.65 -3.76
CA SER A 10 -5.32 -4.28 -5.04
C SER A 10 -4.30 -5.40 -5.18
N ARG A 11 -3.18 -5.28 -5.96
CA ARG A 11 -2.27 -6.42 -6.26
C ARG A 11 -0.81 -5.91 -6.45
N SER A 12 -0.07 -5.72 -5.32
CA SER A 12 1.33 -5.18 -5.25
C SER A 12 1.62 -3.75 -5.76
N ASP A 13 1.04 -3.31 -6.91
CA ASP A 13 1.15 -1.91 -7.43
C ASP A 13 0.76 -0.73 -6.50
N GLU A 14 -0.18 -0.95 -5.56
CA GLU A 14 -0.75 0.10 -4.67
C GLU A 14 0.22 0.43 -3.48
N LEU A 15 0.59 -0.52 -2.56
CA LEU A 15 1.57 -0.32 -1.45
C LEU A 15 2.93 0.36 -1.84
N ALA A 16 3.56 -0.07 -2.97
CA ALA A 16 4.70 0.65 -3.60
C ALA A 16 4.41 2.05 -4.22
N LYS A 17 3.18 2.30 -4.72
CA LYS A 17 2.66 3.65 -5.11
C LYS A 17 2.46 4.58 -3.84
N LEU A 18 1.63 4.17 -2.86
CA LEU A 18 1.32 4.89 -1.61
C LEU A 18 2.52 5.11 -0.62
N LEU A 19 3.49 4.16 -0.42
CA LEU A 19 4.63 4.36 0.54
C LEU A 19 5.59 5.55 0.26
N ARG A 20 5.92 5.85 -1.03
CA ARG A 20 6.64 7.10 -1.44
C ARG A 20 5.84 8.43 -1.21
N LEU A 21 4.49 8.46 -1.43
CA LEU A 21 3.61 9.61 -1.03
C LEU A 21 3.44 9.81 0.52
N HIS A 22 3.05 8.75 1.26
CA HIS A 22 2.61 8.82 2.68
C HIS A 22 3.20 7.54 3.32
N ALA A 23 4.24 7.73 4.16
CA ALA A 23 4.95 6.61 4.84
C ALA A 23 4.27 5.99 6.08
N GLY A 24 3.70 6.79 7.01
CA GLY A 24 3.03 6.30 8.24
C GLY A 24 4.01 6.17 9.40
N TYR A 2 -3.41 -8.22 -0.23
CA TYR A 2 -2.37 -7.88 0.79
C TYR A 2 -2.80 -8.22 2.26
N THR A 3 -3.98 -7.71 2.71
CA THR A 3 -4.47 -7.60 4.09
C THR A 3 -3.34 -7.30 5.14
N VAL A 4 -3.33 -6.03 5.53
CA VAL A 4 -2.28 -5.41 6.39
C VAL A 4 -3.19 -4.64 7.45
N PRO A 5 -3.49 -5.04 8.74
CA PRO A 5 -4.45 -4.34 9.65
C PRO A 5 -5.88 -4.37 9.04
N SER A 6 -6.27 -3.21 8.47
CA SER A 6 -7.45 -3.06 7.57
C SER A 6 -7.00 -2.43 6.21
N THR A 8 -6.22 -4.39 2.57
CA THR A 8 -6.08 -5.32 1.42
C THR A 8 -6.25 -4.35 0.21
N PHE A 9 -5.12 -3.86 -0.37
CA PHE A 9 -5.09 -2.71 -1.32
C PHE A 9 -5.62 -3.18 -2.74
N SER A 10 -4.75 -3.57 -3.71
CA SER A 10 -5.11 -4.19 -4.99
C SER A 10 -4.07 -5.31 -5.11
N ARG A 11 -2.91 -5.15 -5.83
CA ARG A 11 -2.01 -6.29 -6.15
C ARG A 11 -0.48 -5.96 -6.02
N SER A 12 0.07 -5.05 -6.86
CA SER A 12 1.49 -4.57 -6.77
C SER A 12 1.72 -3.06 -7.01
N ASP A 13 0.89 -2.36 -7.82
CA ASP A 13 0.90 -0.88 -7.95
C ASP A 13 0.63 -0.05 -6.66
N GLU A 14 -0.25 -0.54 -5.76
CA GLU A 14 -0.78 0.23 -4.60
C GLU A 14 0.25 0.40 -3.44
N LEU A 15 0.82 -0.69 -2.84
CA LEU A 15 1.88 -0.61 -1.77
C LEU A 15 3.13 0.29 -2.12
N ALA A 16 3.58 0.24 -3.38
CA ALA A 16 4.57 1.18 -3.95
C ALA A 16 4.07 2.61 -4.31
N LYS A 17 2.78 2.80 -4.72
CA LYS A 17 2.13 4.14 -4.87
C LYS A 17 1.98 4.88 -3.48
N LEU A 18 1.32 4.25 -2.47
CA LEU A 18 1.06 4.82 -1.14
C LEU A 18 2.32 4.97 -0.23
N LEU A 19 3.26 3.99 -0.12
CA LEU A 19 4.51 4.14 0.69
C LEU A 19 5.60 5.06 0.07
N ARG A 20 5.69 5.20 -1.28
CA ARG A 20 6.51 6.26 -1.96
C ARG A 20 5.91 7.70 -1.80
N LEU A 21 4.57 7.91 -1.84
CA LEU A 21 3.90 9.20 -1.48
C LEU A 21 3.96 9.58 0.04
N HIS A 22 3.49 8.68 0.94
CA HIS A 22 3.23 8.98 2.37
C HIS A 22 3.66 7.72 3.16
N ALA A 23 4.62 7.89 4.10
CA ALA A 23 5.10 6.83 5.02
C ALA A 23 5.20 7.47 6.43
N GLY A 24 4.11 7.29 7.20
CA GLY A 24 4.01 7.83 8.58
C GLY A 24 2.63 7.52 9.16
N TYR A 2 -3.20 -8.46 -0.30
CA TYR A 2 -2.50 -7.84 0.86
C TYR A 2 -3.38 -7.94 2.14
N THR A 3 -2.73 -7.82 3.32
CA THR A 3 -3.38 -7.52 4.59
C THR A 3 -2.29 -6.74 5.37
N VAL A 4 -2.66 -5.52 5.78
CA VAL A 4 -1.85 -4.71 6.72
C VAL A 4 -3.00 -4.02 7.58
N PRO A 5 -3.50 -4.46 8.80
CA PRO A 5 -4.69 -3.87 9.48
C PRO A 5 -5.98 -4.05 8.64
N SER A 6 -6.63 -2.93 8.31
CA SER A 6 -7.69 -2.85 7.27
C SER A 6 -7.19 -2.77 5.79
N THR A 8 -5.91 -4.11 2.95
CA THR A 8 -5.87 -5.13 1.91
C THR A 8 -6.03 -4.18 0.65
N PHE A 9 -4.91 -3.86 -0.06
CA PHE A 9 -4.83 -2.76 -1.07
C PHE A 9 -5.46 -3.27 -2.42
N SER A 10 -4.73 -3.26 -3.54
CA SER A 10 -5.09 -3.93 -4.81
C SER A 10 -4.05 -5.04 -4.88
N ARG A 11 -3.03 -4.97 -5.77
CA ARG A 11 -2.20 -6.15 -6.11
C ARG A 11 -0.67 -5.88 -6.15
N SER A 12 -0.14 -4.97 -7.01
CA SER A 12 1.30 -4.54 -6.99
C SER A 12 1.58 -3.04 -7.22
N ASP A 13 0.72 -2.30 -7.96
CA ASP A 13 0.77 -0.80 -8.05
C ASP A 13 0.59 -0.03 -6.72
N GLU A 14 -0.33 -0.46 -5.83
CA GLU A 14 -0.76 0.30 -4.62
C GLU A 14 0.27 0.35 -3.47
N LEU A 15 0.88 -0.79 -3.02
CA LEU A 15 1.93 -0.81 -1.95
C LEU A 15 3.21 0.04 -2.27
N ALA A 16 3.67 0.04 -3.53
CA ALA A 16 4.70 0.97 -4.06
C ALA A 16 4.25 2.43 -4.34
N LYS A 17 3.05 2.69 -4.91
CA LYS A 17 2.42 4.06 -5.01
C LYS A 17 2.23 4.77 -3.62
N LEU A 18 1.61 4.08 -2.63
CA LEU A 18 1.26 4.58 -1.30
C LEU A 18 2.48 4.78 -0.33
N LEU A 19 3.46 3.84 -0.22
CA LEU A 19 4.72 4.08 0.55
C LEU A 19 5.74 5.10 -0.09
N ARG A 20 5.62 5.41 -1.40
CA ARG A 20 6.34 6.55 -2.07
C ARG A 20 5.74 7.95 -1.68
N LEU A 21 4.39 8.14 -1.68
CA LEU A 21 3.72 9.39 -1.19
C LEU A 21 3.71 9.56 0.36
N HIS A 22 3.18 8.57 1.13
CA HIS A 22 2.86 8.71 2.57
C HIS A 22 3.27 7.37 3.23
N ALA A 23 4.25 7.44 4.16
CA ALA A 23 4.80 6.26 4.89
C ALA A 23 4.74 6.32 6.45
N GLY A 24 5.09 7.46 7.08
CA GLY A 24 5.06 7.61 8.55
C GLY A 24 5.60 8.96 9.06
N TYR A 2 -4.56 -8.02 -0.32
CA TYR A 2 -3.37 -8.33 0.51
C TYR A 2 -3.45 -7.49 1.81
N THR A 3 -4.00 -8.05 2.91
CA THR A 3 -4.32 -7.25 4.13
C THR A 3 -3.00 -6.97 4.90
N VAL A 4 -2.74 -5.68 5.03
CA VAL A 4 -1.59 -5.11 5.83
C VAL A 4 -2.39 -4.41 7.02
N PRO A 5 -2.53 -4.90 8.32
CA PRO A 5 -3.41 -4.27 9.35
C PRO A 5 -4.91 -4.33 8.92
N SER A 6 -5.41 -3.17 8.47
CA SER A 6 -6.70 -3.05 7.72
C SER A 6 -6.44 -2.34 6.35
N THR A 8 -6.15 -4.05 2.54
CA THR A 8 -6.20 -4.97 1.38
C THR A 8 -6.34 -4.02 0.14
N PHE A 9 -5.22 -3.65 -0.52
CA PHE A 9 -5.18 -2.54 -1.53
C PHE A 9 -5.75 -3.06 -2.91
N SER A 10 -4.90 -3.51 -3.87
CA SER A 10 -5.28 -4.21 -5.10
C SER A 10 -4.35 -5.43 -5.11
N ARG A 11 -3.12 -5.40 -5.69
CA ARG A 11 -2.29 -6.62 -5.87
C ARG A 11 -0.79 -6.37 -5.52
N SER A 12 -0.04 -5.58 -6.33
CA SER A 12 1.36 -5.13 -6.02
C SER A 12 1.67 -3.65 -6.35
N ASP A 13 1.07 -3.06 -7.41
CA ASP A 13 1.20 -1.61 -7.77
C ASP A 13 0.86 -0.54 -6.69
N GLU A 14 -0.06 -0.85 -5.74
CA GLU A 14 -0.66 0.12 -4.80
C GLU A 14 0.29 0.46 -3.61
N LEU A 15 0.66 -0.48 -2.69
CA LEU A 15 1.62 -0.26 -1.55
C LEU A 15 2.99 0.40 -1.94
N ALA A 16 3.59 -0.02 -3.06
CA ALA A 16 4.74 0.68 -3.70
C ALA A 16 4.48 2.10 -4.31
N LYS A 17 3.25 2.38 -4.81
CA LYS A 17 2.75 3.75 -5.16
C LYS A 17 2.54 4.64 -3.86
N LEU A 18 1.70 4.18 -2.91
CA LEU A 18 1.36 4.87 -1.65
C LEU A 18 2.51 5.07 -0.62
N LEU A 19 3.51 4.15 -0.44
CA LEU A 19 4.62 4.36 0.56
C LEU A 19 5.58 5.57 0.28
N ARG A 20 5.95 5.86 -0.99
CA ARG A 20 6.67 7.12 -1.39
C ARG A 20 5.84 8.44 -1.18
N LEU A 21 4.51 8.47 -1.44
CA LEU A 21 3.60 9.60 -1.07
C LEU A 21 3.38 9.80 0.47
N HIS A 22 2.98 8.73 1.20
CA HIS A 22 2.50 8.81 2.60
C HIS A 22 3.07 7.54 3.27
N ALA A 23 4.09 7.74 4.14
CA ALA A 23 4.80 6.62 4.84
C ALA A 23 4.07 5.99 6.06
N GLY A 24 3.48 6.80 6.97
CA GLY A 24 2.77 6.28 8.16
C GLY A 24 2.20 7.44 8.98
#